data_2DIJ
#
_entry.id   2DIJ
#
_cell.length_a   119.964
_cell.length_b   111.282
_cell.length_c   67.977
_cell.angle_alpha   90.00
_cell.angle_beta   90.00
_cell.angle_gamma   90.00
#
_symmetry.space_group_name_H-M   'P 21 21 21'
#
loop_
_entity.id
_entity.type
_entity.pdbx_description
1 polymer 'CYCLODEXTRIN GLYCOSYLTRANSFERASE'
2 branched alpha-D-glucopyranose-(1-4)-alpha-D-glucopyranose
3 branched alpha-D-glucopyranose-(1-4)-alpha-D-glucopyranose-(1-4)-alpha-D-glucopyranose
4 branched alpha-D-glucopyranose-(1-4)-alpha-D-glucopyranose-(1-4)-alpha-D-glucopyranose-(1-4)-alpha-D-glucopyranose-(1-4)-alpha-D-glucopyranose
5 branched alpha-D-quinovopyranose-(1-4)-alpha-D-glucopyranose
6 branched alpha-D-glucopyranose-(1-4)-alpha-D-glucopyranose-(1-4)-alpha-D-glucopyranose-(1-4)-alpha-D-glucopyranose-(1-4)-alpha-D-glucopyranose-(1-4)-alpha-D-glucopyranose
7 non-polymer 'CALCIUM ION'
8 non-polymer '1-AMINO-2,3-DIHYDROXY-5-HYDROXYMETHYL CYCLOHEX-5-ENE'
9 water water
#
_entity_poly.entity_id   1
_entity_poly.type   'polypeptide(L)'
_entity_poly.pdbx_seq_one_letter_code
;APDTSVSNKQNFSTDVIYQIFTDRFSDGNPANNPTGAAFDGTCTNLRLYCGGDWQGIINKINDGYLTGMGVTAIWISQPV
ENIYSIINYSGVNNTAYHGYWARDFKKTNPAYGTIADFQNLIAAAHAKNIKVIIDFAPNHTSPASSDQPSFAENGRLYDN
GTLLGGYTNDTQNLFHHNGGTDFSTTENGIYKNLFDLADLNHNNSTVDVYLKDAIKMWLDLGIDGIRMDAVKHMPFGWQK
SFMAAVNNYKPVFTFGEWFLGVNEVSPENHKFANESGMSLLDFRFAQKVRQVFRDNTDNMYGLKAMLEGSAADYAQVDDQ
VTFIDNHDMERFHASNANRRKLEQALAFTLTSRGVPAIYYGTEQYMSGGTDPDNRARIPSFSTSTTAYQVIQKLAPLRKC
NPAIAYGSTQERWINNDVLIYERKFGSNVAVVAVNRNLNAPASISGLVTSLPQGSYNDVLGGLLNGNTLSVGSGGAASNF
TLAAGGTAVWQYTAATATPTIGHVGPMMAKPGVTITIDGRGFGSSKGTVYFGTTAVSGADITSWEDTQIKVKIPAVAGGN
YNIKVANAAGTASNVYDNFEVLSGDQVSVRFVVNNATTALGQNVYLTGSVSELGNWDPAKAIGPMYNQVVYQYPNWYYDV
SVPAGKTIEFKFLKKQGSTVTWEGGSNHTFTAPSSGTATINVNWQP
;
_entity_poly.pdbx_strand_id   A
#
loop_
_chem_comp.id
_chem_comp.type
_chem_comp.name
_chem_comp.formula
ADH non-polymer '1-AMINO-2,3-DIHYDROXY-5-HYDROXYMETHYL CYCLOHEX-5-ENE' 'C7 H13 N O3'
CA non-polymer 'CALCIUM ION' 'Ca 2'
G6D D-saccharide, alpha linking alpha-D-quinovopyranose 'C6 H12 O5'
GLC D-saccharide, alpha linking alpha-D-glucopyranose 'C6 H12 O6'
#
# COMPACT_ATOMS: atom_id res chain seq x y z
N ALA A 1 7.67 4.06 22.76
CA ALA A 1 6.34 4.60 22.56
C ALA A 1 5.30 3.51 22.36
N PRO A 2 4.03 3.91 22.33
CA PRO A 2 2.96 2.98 22.14
C PRO A 2 2.67 2.82 20.64
N ASP A 3 2.05 1.69 20.31
CA ASP A 3 1.71 1.35 18.94
C ASP A 3 1.10 2.51 18.16
N THR A 4 0.44 3.42 18.87
CA THR A 4 -0.23 4.55 18.24
C THR A 4 0.62 5.77 18.01
N SER A 5 1.82 5.79 18.57
CA SER A 5 2.67 6.95 18.40
C SER A 5 2.91 7.34 16.94
N VAL A 6 3.25 8.61 16.73
CA VAL A 6 3.54 9.12 15.41
C VAL A 6 4.91 8.62 14.96
N SER A 7 5.66 8.13 15.93
CA SER A 7 6.99 7.64 15.69
C SER A 7 7.02 6.24 15.10
N ASN A 8 5.85 5.57 15.10
CA ASN A 8 5.73 4.21 14.59
C ASN A 8 5.59 4.15 13.07
N LYS A 9 6.74 4.10 12.38
CA LYS A 9 6.77 4.03 10.93
C LYS A 9 6.47 2.64 10.39
N GLN A 10 6.21 1.68 11.28
CA GLN A 10 5.95 0.32 10.85
C GLN A 10 4.48 -0.05 10.85
N ASN A 11 3.64 0.80 11.42
CA ASN A 11 2.24 0.48 11.51
C ASN A 11 1.34 1.67 11.27
N PHE A 12 0.48 1.54 10.25
CA PHE A 12 -0.44 2.60 9.91
C PHE A 12 -1.88 2.22 10.21
N SER A 13 -2.03 1.00 10.66
CA SER A 13 -3.33 0.45 10.98
C SER A 13 -4.17 1.30 11.92
N THR A 14 -3.52 2.12 12.74
CA THR A 14 -4.26 2.96 13.67
C THR A 14 -4.44 4.37 13.14
N ASP A 15 -3.90 4.61 11.96
CA ASP A 15 -3.95 5.91 11.34
C ASP A 15 -5.03 6.05 10.28
N VAL A 16 -5.14 7.28 9.79
CA VAL A 16 -6.05 7.67 8.74
C VAL A 16 -5.26 8.51 7.75
N ILE A 17 -5.16 8.03 6.54
CA ILE A 17 -4.42 8.72 5.51
C ILE A 17 -5.25 9.72 4.75
N TYR A 18 -4.67 10.89 4.56
CA TYR A 18 -5.27 11.96 3.80
C TYR A 18 -4.42 12.15 2.54
N GLN A 19 -4.91 11.63 1.42
CA GLN A 19 -4.17 11.70 0.16
C GLN A 19 -4.26 13.07 -0.47
N ILE A 20 -3.12 13.73 -0.63
CA ILE A 20 -3.09 15.07 -1.17
C ILE A 20 -2.38 15.25 -2.51
N PHE A 21 -3.08 15.91 -3.43
CA PHE A 21 -2.52 16.26 -4.73
C PHE A 21 -1.95 17.65 -4.52
N THR A 22 -0.68 17.68 -4.10
CA THR A 22 0.06 18.90 -3.77
C THR A 22 -0.33 20.17 -4.51
N ASP A 23 -0.36 20.09 -5.83
CA ASP A 23 -0.68 21.23 -6.65
C ASP A 23 -2.10 21.75 -6.51
N ARG A 24 -3.01 20.90 -6.05
CA ARG A 24 -4.39 21.28 -5.92
C ARG A 24 -4.87 21.46 -4.49
N PHE A 25 -3.92 21.49 -3.56
CA PHE A 25 -4.30 21.64 -2.16
C PHE A 25 -4.27 23.08 -1.68
N SER A 26 -3.06 23.63 -1.59
CA SER A 26 -2.89 24.99 -1.14
C SER A 26 -1.56 25.56 -1.55
N ASP A 27 -1.61 26.80 -2.05
CA ASP A 27 -0.44 27.52 -2.50
C ASP A 27 0.05 28.49 -1.45
N GLY A 28 0.89 27.98 -0.54
CA GLY A 28 1.44 28.76 0.55
C GLY A 28 2.63 29.60 0.15
N ASN A 29 3.09 29.43 -1.08
CA ASN A 29 4.23 30.19 -1.57
C ASN A 29 4.16 30.44 -3.06
N PRO A 30 3.50 31.50 -3.43
CA PRO A 30 3.34 31.89 -4.81
C PRO A 30 4.67 32.13 -5.49
N ALA A 31 5.69 32.40 -4.71
CA ALA A 31 7.00 32.66 -5.28
C ALA A 31 7.55 31.50 -6.08
N ASN A 32 7.08 30.30 -5.77
CA ASN A 32 7.59 29.12 -6.46
C ASN A 32 6.68 28.62 -7.57
N ASN A 33 5.58 29.32 -7.80
CA ASN A 33 4.66 28.91 -8.84
C ASN A 33 5.31 29.00 -10.20
N PRO A 34 5.10 28.00 -11.02
CA PRO A 34 5.66 28.03 -12.35
C PRO A 34 5.09 29.23 -13.10
N THR A 35 5.67 29.54 -14.26
CA THR A 35 5.21 30.68 -15.02
C THR A 35 4.82 30.33 -16.45
N GLY A 36 4.40 31.36 -17.17
CA GLY A 36 4.02 31.23 -18.56
C GLY A 36 2.88 30.27 -18.81
N ALA A 37 2.95 29.64 -19.98
CA ALA A 37 1.96 28.69 -20.46
C ALA A 37 1.80 27.48 -19.56
N ALA A 38 2.70 27.34 -18.61
CA ALA A 38 2.64 26.22 -17.69
C ALA A 38 1.82 26.51 -16.45
N PHE A 39 1.41 27.76 -16.30
CA PHE A 39 0.67 28.15 -15.12
C PHE A 39 -0.78 28.58 -15.34
N ASP A 40 -1.57 28.45 -14.27
CA ASP A 40 -2.97 28.84 -14.23
C ASP A 40 -3.47 28.96 -12.79
N GLY A 41 -3.14 30.09 -12.17
CA GLY A 41 -3.51 30.38 -10.79
C GLY A 41 -4.99 30.23 -10.52
N THR A 42 -5.81 30.37 -11.56
CA THR A 42 -7.24 30.24 -11.40
C THR A 42 -7.64 28.79 -11.26
N CYS A 43 -6.75 27.92 -11.70
CA CYS A 43 -6.97 26.49 -11.67
C CYS A 43 -8.17 26.06 -12.48
N THR A 44 -8.37 26.73 -13.62
CA THR A 44 -9.46 26.41 -14.52
C THR A 44 -9.03 25.34 -15.52
N ASN A 45 -7.74 25.37 -15.84
CA ASN A 45 -7.13 24.41 -16.73
C ASN A 45 -6.44 23.36 -15.89
N LEU A 46 -7.18 22.28 -15.68
CA LEU A 46 -6.73 21.18 -14.84
C LEU A 46 -5.46 20.45 -15.25
N ARG A 47 -4.93 20.73 -16.44
CA ARG A 47 -3.71 20.06 -16.87
C ARG A 47 -2.45 20.90 -16.64
N LEU A 48 -2.66 22.10 -16.11
CA LEU A 48 -1.57 23.02 -15.83
C LEU A 48 -1.28 23.05 -14.35
N TYR A 49 -0.26 23.81 -13.96
CA TYR A 49 0.07 23.94 -12.55
C TYR A 49 -0.86 24.97 -11.94
N CYS A 50 -1.36 24.68 -10.75
CA CYS A 50 -2.24 25.60 -10.09
C CYS A 50 -1.54 26.39 -9.00
N GLY A 51 -0.39 25.87 -8.55
CA GLY A 51 0.38 26.57 -7.53
C GLY A 51 0.43 25.89 -6.16
N GLY A 52 -0.19 24.72 -6.01
CA GLY A 52 -0.17 24.00 -4.74
C GLY A 52 1.25 23.60 -4.35
N ASP A 53 1.62 23.81 -3.10
CA ASP A 53 2.95 23.51 -2.63
C ASP A 53 3.02 22.97 -1.20
N TRP A 54 4.26 22.67 -0.76
CA TRP A 54 4.50 22.13 0.57
C TRP A 54 4.18 23.14 1.66
N GLN A 55 4.51 24.39 1.40
CA GLN A 55 4.24 25.46 2.34
C GLN A 55 2.75 25.49 2.64
N GLY A 56 1.98 25.28 1.57
CA GLY A 56 0.55 25.24 1.67
C GLY A 56 0.12 24.14 2.63
N ILE A 57 0.77 22.99 2.51
CA ILE A 57 0.44 21.89 3.39
C ILE A 57 0.72 22.26 4.83
N ILE A 58 1.91 22.82 5.04
CA ILE A 58 2.33 23.25 6.36
C ILE A 58 1.26 24.13 7.01
N ASN A 59 0.78 25.10 6.24
CA ASN A 59 -0.23 26.00 6.74
C ASN A 59 -1.50 25.25 7.14
N LYS A 60 -1.94 24.35 6.27
CA LYS A 60 -3.15 23.59 6.56
C LYS A 60 -2.96 22.71 7.79
N ILE A 61 -1.72 22.37 8.04
CA ILE A 61 -1.44 21.57 9.20
C ILE A 61 -1.56 22.42 10.46
N ASN A 62 -0.96 23.60 10.37
CA ASN A 62 -0.94 24.54 11.47
C ASN A 62 -2.29 25.21 11.77
N ASP A 63 -3.09 25.48 10.74
CA ASP A 63 -4.38 26.12 10.93
C ASP A 63 -5.50 25.25 11.46
N GLY A 64 -5.23 23.95 11.66
CA GLY A 64 -6.23 23.06 12.22
C GLY A 64 -7.13 22.31 11.24
N TYR A 65 -6.98 22.55 9.95
CA TYR A 65 -7.83 21.86 9.00
C TYR A 65 -7.71 20.35 9.10
N LEU A 66 -6.48 19.86 8.98
CA LEU A 66 -6.24 18.43 9.03
C LEU A 66 -6.41 17.85 10.43
N THR A 67 -5.80 18.49 11.40
CA THR A 67 -5.89 18.00 12.77
C THR A 67 -7.31 17.91 13.27
N GLY A 68 -8.10 18.94 13.00
CA GLY A 68 -9.48 18.98 13.44
C GLY A 68 -10.29 17.83 12.85
N MET A 69 -9.81 17.29 11.77
CA MET A 69 -10.48 16.20 11.10
C MET A 69 -10.18 14.86 11.74
N GLY A 70 -9.02 14.78 12.38
CA GLY A 70 -8.60 13.55 13.00
C GLY A 70 -7.60 12.80 12.14
N VAL A 71 -7.23 13.43 11.02
CA VAL A 71 -6.28 12.85 10.09
C VAL A 71 -4.92 12.66 10.77
N THR A 72 -4.31 11.49 10.61
CA THR A 72 -3.04 11.27 11.27
C THR A 72 -1.88 10.98 10.34
N ALA A 73 -2.11 11.11 9.05
CA ALA A 73 -1.08 10.87 8.07
C ALA A 73 -1.44 11.44 6.72
N ILE A 74 -0.43 11.85 5.98
CA ILE A 74 -0.67 12.40 4.68
C ILE A 74 0.16 11.71 3.62
N TRP A 75 -0.44 11.56 2.45
CA TRP A 75 0.21 10.97 1.31
C TRP A 75 0.23 12.03 0.22
N ILE A 76 1.41 12.57 -0.02
CA ILE A 76 1.61 13.64 -0.98
C ILE A 76 2.17 13.14 -2.31
N SER A 77 2.08 13.99 -3.32
CA SER A 77 2.59 13.68 -4.65
C SER A 77 4.09 13.46 -4.65
N GLN A 78 4.57 12.73 -5.68
CA GLN A 78 5.99 12.44 -5.82
C GLN A 78 6.81 13.71 -5.69
N PRO A 79 7.66 13.73 -4.68
CA PRO A 79 8.48 14.88 -4.37
C PRO A 79 9.60 15.18 -5.36
N VAL A 80 10.09 14.17 -6.07
CA VAL A 80 11.21 14.33 -7.00
C VAL A 80 11.00 15.28 -8.17
N GLU A 81 12.11 15.74 -8.73
CA GLU A 81 12.11 16.67 -9.86
C GLU A 81 11.54 16.05 -11.13
N ASN A 82 10.51 16.69 -11.66
CA ASN A 82 9.83 16.26 -12.88
C ASN A 82 10.27 17.07 -14.08
N ILE A 83 9.86 16.62 -15.26
CA ILE A 83 10.19 17.32 -16.47
C ILE A 83 9.57 18.70 -16.45
N TYR A 84 10.17 19.63 -17.20
CA TYR A 84 9.69 20.99 -17.25
C TYR A 84 8.94 21.30 -18.52
N SER A 85 9.15 20.50 -19.53
CA SER A 85 8.50 20.73 -20.80
C SER A 85 6.99 20.61 -20.74
N ILE A 86 6.34 21.46 -21.53
CA ILE A 86 4.89 21.46 -21.66
C ILE A 86 4.55 20.53 -22.81
N ILE A 87 3.90 19.43 -22.49
CA ILE A 87 3.58 18.46 -23.52
C ILE A 87 2.26 18.76 -24.21
N ASN A 88 2.27 18.69 -25.53
CA ASN A 88 1.06 18.94 -26.27
C ASN A 88 0.46 17.66 -26.83
N TYR A 89 -0.63 17.22 -26.21
CA TYR A 89 -1.32 16.03 -26.64
C TYR A 89 -2.53 16.37 -27.47
N SER A 90 -2.28 16.57 -28.76
CA SER A 90 -3.35 16.89 -29.68
C SER A 90 -4.04 18.21 -29.33
N GLY A 91 -3.26 19.29 -29.37
CA GLY A 91 -3.77 20.62 -29.08
C GLY A 91 -3.93 20.94 -27.60
N VAL A 92 -3.88 19.91 -26.75
CA VAL A 92 -4.02 20.10 -25.33
C VAL A 92 -2.70 20.14 -24.58
N ASN A 93 -2.47 21.25 -23.89
CA ASN A 93 -1.24 21.41 -23.13
C ASN A 93 -1.29 20.62 -21.85
N ASN A 94 -0.15 20.01 -21.51
CA ASN A 94 -0.02 19.19 -20.32
C ASN A 94 1.26 19.46 -19.56
N THR A 95 1.14 19.42 -18.23
CA THR A 95 2.28 19.62 -17.35
C THR A 95 2.44 18.46 -16.37
N ALA A 96 3.56 18.46 -15.65
CA ALA A 96 3.86 17.44 -14.68
C ALA A 96 3.38 17.81 -13.29
N TYR A 97 2.30 18.59 -13.24
CA TYR A 97 1.71 19.04 -12.00
C TYR A 97 1.41 17.88 -11.07
N HIS A 98 1.30 16.68 -11.63
CA HIS A 98 1.00 15.49 -10.84
C HIS A 98 2.24 14.86 -10.22
N GLY A 99 3.42 15.21 -10.76
CA GLY A 99 4.70 14.73 -10.25
C GLY A 99 5.04 13.29 -10.59
N TYR A 100 4.38 12.74 -11.61
CA TYR A 100 4.65 11.38 -12.02
C TYR A 100 5.64 11.26 -13.18
N TRP A 101 6.05 12.40 -13.73
CA TRP A 101 6.98 12.42 -14.84
C TRP A 101 8.37 12.82 -14.36
N ALA A 102 9.00 11.89 -13.66
CA ALA A 102 10.31 12.12 -13.08
C ALA A 102 11.43 12.32 -14.06
N ARG A 103 12.38 13.15 -13.63
CA ARG A 103 13.56 13.46 -14.40
C ARG A 103 14.81 13.26 -13.52
N ASP A 104 14.64 13.50 -12.22
CA ASP A 104 15.70 13.33 -11.24
C ASP A 104 15.14 12.97 -9.85
N PHE A 105 15.38 11.71 -9.45
CA PHE A 105 14.90 11.19 -8.17
C PHE A 105 15.69 11.71 -6.99
N LYS A 106 16.83 12.34 -7.27
CA LYS A 106 17.67 12.87 -6.21
C LYS A 106 17.44 14.34 -5.94
N LYS A 107 16.46 14.90 -6.64
CA LYS A 107 16.10 16.30 -6.47
C LYS A 107 14.62 16.45 -6.21
N THR A 108 14.23 17.65 -5.82
CA THR A 108 12.84 17.94 -5.56
C THR A 108 12.21 18.72 -6.69
N ASN A 109 10.88 18.72 -6.72
CA ASN A 109 10.14 19.46 -7.71
C ASN A 109 10.10 20.91 -7.22
N PRO A 110 10.79 21.79 -7.93
CA PRO A 110 10.87 23.18 -7.55
C PRO A 110 9.50 23.82 -7.26
N ALA A 111 8.48 23.38 -7.99
CA ALA A 111 7.15 23.93 -7.80
C ALA A 111 6.59 23.61 -6.43
N TYR A 112 7.04 22.48 -5.89
CA TYR A 112 6.61 22.04 -4.58
C TYR A 112 7.44 22.68 -3.48
N GLY A 113 8.74 22.76 -3.71
CA GLY A 113 9.62 23.36 -2.72
C GLY A 113 11.04 22.88 -2.83
N THR A 114 11.83 23.30 -1.84
CA THR A 114 13.23 22.96 -1.73
C THR A 114 13.37 21.88 -0.70
N ILE A 115 14.57 21.30 -0.62
CA ILE A 115 14.80 20.28 0.36
C ILE A 115 14.49 20.81 1.74
N ALA A 116 14.79 22.10 1.94
CA ALA A 116 14.51 22.77 3.19
C ALA A 116 13.01 22.79 3.46
N ASP A 117 12.24 23.09 2.42
CA ASP A 117 10.80 23.12 2.54
C ASP A 117 10.29 21.74 2.95
N PHE A 118 10.81 20.74 2.25
CA PHE A 118 10.43 19.39 2.53
C PHE A 118 10.69 19.07 3.99
N GLN A 119 11.88 19.44 4.45
CA GLN A 119 12.28 19.22 5.82
C GLN A 119 11.34 19.89 6.81
N ASN A 120 10.86 21.08 6.44
CA ASN A 120 9.94 21.81 7.30
C ASN A 120 8.61 21.08 7.38
N LEU A 121 8.20 20.54 6.24
CA LEU A 121 6.97 19.79 6.13
C LEU A 121 6.98 18.63 7.11
N ILE A 122 8.08 17.88 7.09
CA ILE A 122 8.22 16.75 7.99
C ILE A 122 8.13 17.18 9.44
N ALA A 123 8.85 18.27 9.75
CA ALA A 123 8.88 18.81 11.10
C ALA A 123 7.51 19.27 11.56
N ALA A 124 6.87 20.08 10.72
CA ALA A 124 5.55 20.57 11.03
C ALA A 124 4.63 19.39 11.31
N ALA A 125 4.61 18.47 10.34
CA ALA A 125 3.80 17.28 10.43
C ALA A 125 4.04 16.51 11.72
N HIS A 126 5.29 16.12 11.94
CA HIS A 126 5.62 15.36 13.12
C HIS A 126 5.19 16.08 14.38
N ALA A 127 5.38 17.39 14.38
CA ALA A 127 5.01 18.22 15.52
C ALA A 127 3.54 18.07 15.84
N LYS A 128 2.75 17.74 14.82
CA LYS A 128 1.32 17.59 14.99
C LYS A 128 0.87 16.14 14.94
N ASN A 129 1.81 15.24 15.16
CA ASN A 129 1.53 13.81 15.18
C ASN A 129 0.95 13.30 13.88
N ILE A 130 1.47 13.81 12.78
CA ILE A 130 1.03 13.41 11.47
C ILE A 130 2.18 12.76 10.73
N LYS A 131 1.93 11.58 10.20
CA LYS A 131 2.94 10.86 9.45
C LYS A 131 2.96 11.32 8.02
N VAL A 132 4.14 11.34 7.43
CA VAL A 132 4.32 11.76 6.06
C VAL A 132 4.67 10.63 5.13
N ILE A 133 3.84 10.46 4.11
CA ILE A 133 4.02 9.42 3.13
C ILE A 133 4.26 10.04 1.77
N ILE A 134 5.22 9.50 1.04
CA ILE A 134 5.52 10.01 -0.29
C ILE A 134 5.20 8.98 -1.36
N ASP A 135 4.83 9.49 -2.52
CA ASP A 135 4.55 8.68 -3.68
C ASP A 135 5.88 8.45 -4.39
N PHE A 136 6.12 7.25 -4.87
CA PHE A 136 7.36 6.91 -5.53
C PHE A 136 7.09 6.11 -6.79
N ALA A 137 7.58 6.62 -7.93
CA ALA A 137 7.33 5.97 -9.21
C ALA A 137 8.60 5.59 -9.95
N PRO A 138 9.20 4.47 -9.55
CA PRO A 138 10.43 3.97 -10.14
C PRO A 138 10.21 3.14 -11.39
N ASN A 139 8.99 3.10 -11.89
CA ASN A 139 8.77 2.30 -13.07
C ASN A 139 9.23 3.00 -14.33
N HIS A 140 9.12 4.31 -14.34
CA HIS A 140 9.48 5.07 -15.51
C HIS A 140 9.90 6.48 -15.17
N THR A 141 10.21 7.24 -16.22
CA THR A 141 10.59 8.64 -16.12
C THR A 141 9.43 9.48 -16.62
N SER A 142 9.48 9.79 -17.91
CA SER A 142 8.46 10.62 -18.53
C SER A 142 8.17 10.17 -19.94
N PRO A 143 7.14 10.78 -20.53
CA PRO A 143 6.73 10.47 -21.88
C PRO A 143 7.84 10.75 -22.87
N ALA A 144 8.02 9.83 -23.81
CA ALA A 144 9.08 9.99 -24.79
C ALA A 144 8.80 9.34 -26.13
N SER A 145 9.67 9.64 -27.06
CA SER A 145 9.63 9.13 -28.39
C SER A 145 11.05 8.93 -28.88
N SER A 146 11.44 7.68 -29.06
CA SER A 146 12.78 7.36 -29.51
C SER A 146 13.10 8.00 -30.85
N ASP A 147 12.06 8.19 -31.66
CA ASP A 147 12.24 8.79 -32.97
C ASP A 147 12.28 10.31 -32.91
N GLN A 148 11.46 10.87 -32.04
CA GLN A 148 11.38 12.31 -31.87
C GLN A 148 12.01 12.76 -30.57
N PRO A 149 13.34 12.81 -30.55
CA PRO A 149 14.10 13.21 -29.38
C PRO A 149 13.71 14.59 -28.88
N SER A 150 13.13 15.36 -29.79
CA SER A 150 12.70 16.70 -29.48
C SER A 150 11.42 16.71 -28.67
N PHE A 151 10.74 15.57 -28.66
CA PHE A 151 9.50 15.43 -27.93
C PHE A 151 9.70 15.38 -26.43
N ALA A 152 8.98 16.25 -25.73
CA ALA A 152 9.09 16.32 -24.29
C ALA A 152 10.54 16.49 -23.87
N GLU A 153 10.99 15.62 -22.98
CA GLU A 153 12.36 15.65 -22.52
C GLU A 153 13.05 14.33 -22.82
N ASN A 154 12.50 13.61 -23.80
CA ASN A 154 13.04 12.33 -24.21
C ASN A 154 13.18 11.35 -23.06
N GLY A 155 12.37 11.55 -22.01
CA GLY A 155 12.40 10.68 -20.84
C GLY A 155 13.78 10.62 -20.20
N ARG A 156 14.57 11.68 -20.38
CA ARG A 156 15.91 11.76 -19.85
C ARG A 156 15.96 11.51 -18.36
N LEU A 157 17.00 10.79 -17.94
CA LEU A 157 17.20 10.47 -16.54
C LEU A 157 18.46 11.12 -16.00
N TYR A 158 18.29 11.97 -15.00
CA TYR A 158 19.40 12.68 -14.39
C TYR A 158 19.68 12.17 -12.99
N ASP A 159 20.95 12.13 -12.66
CA ASP A 159 21.39 11.71 -11.34
C ASP A 159 21.91 12.92 -10.60
N ASN A 160 21.01 13.58 -9.89
CA ASN A 160 21.37 14.77 -9.16
C ASN A 160 22.07 15.80 -10.04
N GLY A 161 21.49 16.07 -11.19
CA GLY A 161 22.07 17.04 -12.09
C GLY A 161 22.85 16.44 -13.23
N THR A 162 23.46 15.28 -13.00
CA THR A 162 24.23 14.63 -14.04
C THR A 162 23.40 13.77 -14.97
N LEU A 163 23.47 14.07 -16.26
CA LEU A 163 22.73 13.32 -17.24
C LEU A 163 23.15 11.86 -17.29
N LEU A 164 22.18 10.97 -17.11
CA LEU A 164 22.42 9.55 -17.17
C LEU A 164 22.17 9.02 -18.56
N GLY A 165 21.04 9.43 -19.13
CA GLY A 165 20.69 9.01 -20.47
C GLY A 165 19.27 9.39 -20.85
N GLY A 166 18.97 9.23 -22.14
CA GLY A 166 17.67 9.52 -22.69
C GLY A 166 17.09 8.32 -23.42
N TYR A 167 15.85 8.46 -23.87
CA TYR A 167 15.14 7.40 -24.57
C TYR A 167 15.72 7.16 -25.96
N THR A 168 16.14 8.23 -26.61
CA THR A 168 16.73 8.14 -27.92
C THR A 168 18.20 7.80 -27.83
N ASN A 169 18.64 6.86 -28.67
CA ASN A 169 20.02 6.43 -28.68
C ASN A 169 20.43 5.95 -27.29
N ASP A 170 19.69 4.97 -26.77
CA ASP A 170 19.94 4.41 -25.46
C ASP A 170 20.90 3.24 -25.56
N THR A 171 22.17 3.56 -25.78
CA THR A 171 23.21 2.56 -25.89
C THR A 171 23.47 1.83 -24.59
N GLN A 172 23.28 2.55 -23.48
CA GLN A 172 23.47 1.98 -22.17
C GLN A 172 22.37 1.00 -21.83
N ASN A 173 21.24 1.13 -22.53
CA ASN A 173 20.10 0.29 -22.31
C ASN A 173 19.44 0.52 -20.97
N LEU A 174 19.20 1.79 -20.66
CA LEU A 174 18.57 2.16 -19.41
C LEU A 174 17.07 1.94 -19.43
N PHE A 175 16.51 1.93 -20.64
CA PHE A 175 15.08 1.77 -20.83
C PHE A 175 14.71 0.53 -21.64
N HIS A 176 13.40 0.28 -21.70
CA HIS A 176 12.84 -0.83 -22.45
C HIS A 176 12.38 -0.28 -23.79
N HIS A 177 12.64 -1.02 -24.85
CA HIS A 177 12.25 -0.55 -26.16
C HIS A 177 11.37 -1.58 -26.84
N ASN A 178 10.35 -2.04 -26.12
CA ASN A 178 9.44 -3.04 -26.63
C ASN A 178 8.05 -2.50 -26.91
N GLY A 179 7.95 -1.19 -27.10
CA GLY A 179 6.66 -0.60 -27.35
C GLY A 179 5.89 -0.44 -26.06
N GLY A 180 4.59 -0.18 -26.20
CA GLY A 180 3.72 0.01 -25.05
C GLY A 180 2.84 -1.19 -24.76
N THR A 181 2.39 -1.29 -23.53
CA THR A 181 1.55 -2.40 -23.14
C THR A 181 0.12 -2.23 -23.61
N ASP A 182 -0.51 -3.38 -23.83
CA ASP A 182 -1.88 -3.44 -24.25
C ASP A 182 -2.69 -4.01 -23.11
N PHE A 183 -1.97 -4.24 -22.01
CA PHE A 183 -2.54 -4.79 -20.80
C PHE A 183 -3.04 -6.23 -20.96
N SER A 184 -2.62 -6.89 -22.04
CA SER A 184 -3.06 -8.26 -22.29
C SER A 184 -2.63 -9.24 -21.21
N THR A 185 -1.33 -9.30 -20.95
CA THR A 185 -0.82 -10.19 -19.94
C THR A 185 0.01 -9.42 -18.92
N THR A 186 0.25 -10.06 -17.78
CA THR A 186 1.03 -9.42 -16.75
C THR A 186 2.43 -9.11 -17.25
N GLU A 187 3.03 -10.10 -17.90
CA GLU A 187 4.35 -9.97 -18.46
C GLU A 187 4.39 -8.79 -19.42
N ASN A 188 3.32 -8.67 -20.18
CA ASN A 188 3.14 -7.63 -21.17
C ASN A 188 3.19 -6.24 -20.57
N GLY A 189 2.44 -6.04 -19.50
CA GLY A 189 2.40 -4.75 -18.83
C GLY A 189 3.64 -4.45 -18.03
N ILE A 190 4.54 -5.42 -17.93
CA ILE A 190 5.77 -5.22 -17.17
C ILE A 190 6.95 -4.76 -18.02
N TYR A 191 7.23 -5.46 -19.10
CA TYR A 191 8.34 -5.16 -19.98
C TYR A 191 7.99 -4.29 -21.16
N LYS A 192 6.87 -3.59 -21.03
CA LYS A 192 6.41 -2.69 -22.06
C LYS A 192 6.06 -1.34 -21.44
N ASN A 193 6.07 -0.31 -22.25
CA ASN A 193 5.79 1.03 -21.79
C ASN A 193 4.37 1.24 -21.31
N LEU A 194 4.26 1.92 -20.18
CA LEU A 194 2.99 2.30 -19.62
C LEU A 194 2.60 3.54 -20.44
N PHE A 195 1.68 3.35 -21.39
CA PHE A 195 1.30 4.45 -22.26
C PHE A 195 2.50 4.82 -23.10
N ASP A 196 2.96 6.05 -22.92
CA ASP A 196 4.13 6.55 -23.63
C ASP A 196 5.28 6.87 -22.69
N LEU A 197 5.17 6.43 -21.46
CA LEU A 197 6.22 6.66 -20.49
C LEU A 197 7.44 5.80 -20.73
N ALA A 198 8.62 6.42 -20.66
CA ALA A 198 9.86 5.69 -20.83
C ALA A 198 10.05 4.68 -19.71
N ASP A 199 9.94 3.40 -20.06
CA ASP A 199 10.06 2.31 -19.11
C ASP A 199 11.49 2.04 -18.70
N LEU A 200 11.73 2.11 -17.40
CA LEU A 200 13.05 1.86 -16.87
C LEU A 200 13.38 0.39 -16.89
N ASN A 201 14.66 0.10 -17.11
CA ASN A 201 15.18 -1.25 -17.14
C ASN A 201 15.93 -1.55 -15.85
N HIS A 202 15.22 -2.15 -14.89
CA HIS A 202 15.81 -2.49 -13.60
C HIS A 202 16.83 -3.60 -13.67
N ASN A 203 16.95 -4.21 -14.83
CA ASN A 203 17.93 -5.26 -14.97
C ASN A 203 19.28 -4.63 -15.23
N ASN A 204 19.25 -3.33 -15.47
CA ASN A 204 20.46 -2.58 -15.70
C ASN A 204 21.02 -2.14 -14.36
N SER A 205 22.26 -2.52 -14.10
CA SER A 205 22.89 -2.20 -12.83
C SER A 205 22.85 -0.74 -12.44
N THR A 206 23.01 0.13 -13.42
CA THR A 206 22.99 1.55 -13.20
C THR A 206 21.67 2.01 -12.60
N VAL A 207 20.59 1.57 -13.24
CA VAL A 207 19.24 1.89 -12.81
C VAL A 207 18.96 1.32 -11.43
N ASP A 208 19.33 0.06 -11.25
CA ASP A 208 19.13 -0.64 -10.00
C ASP A 208 19.74 0.10 -8.83
N VAL A 209 21.03 0.34 -8.92
CA VAL A 209 21.77 1.01 -7.86
C VAL A 209 21.29 2.44 -7.64
N TYR A 210 21.04 3.14 -8.73
CA TYR A 210 20.58 4.51 -8.66
C TYR A 210 19.30 4.60 -7.84
N LEU A 211 18.34 3.78 -8.25
CA LEU A 211 17.04 3.77 -7.59
C LEU A 211 17.14 3.46 -6.10
N LYS A 212 17.97 2.49 -5.74
CA LYS A 212 18.10 2.16 -4.34
C LYS A 212 18.79 3.26 -3.55
N ASP A 213 19.67 3.98 -4.21
CA ASP A 213 20.37 5.07 -3.57
C ASP A 213 19.42 6.22 -3.30
N ALA A 214 18.58 6.50 -4.29
CA ALA A 214 17.60 7.57 -4.23
C ALA A 214 16.61 7.42 -3.07
N ILE A 215 16.04 6.24 -2.95
CA ILE A 215 15.09 6.00 -1.88
C ILE A 215 15.74 6.21 -0.53
N LYS A 216 17.02 5.86 -0.43
CA LYS A 216 17.74 6.03 0.81
C LYS A 216 17.79 7.51 1.18
N MET A 217 17.95 8.36 0.17
CA MET A 217 18.00 9.77 0.42
C MET A 217 16.73 10.23 1.12
N TRP A 218 15.59 9.85 0.55
CA TRP A 218 14.31 10.23 1.10
C TRP A 218 14.09 9.63 2.47
N LEU A 219 14.60 8.44 2.66
CA LEU A 219 14.46 7.81 3.96
C LEU A 219 15.18 8.65 4.99
N ASP A 220 16.38 9.09 4.62
CA ASP A 220 17.21 9.91 5.48
C ASP A 220 16.54 11.24 5.78
N LEU A 221 15.62 11.64 4.91
CA LEU A 221 14.93 12.88 5.10
C LEU A 221 13.77 12.76 6.10
N GLY A 222 13.56 11.54 6.61
CA GLY A 222 12.53 11.28 7.60
C GLY A 222 11.14 10.88 7.13
N ILE A 223 10.97 10.41 5.91
CA ILE A 223 9.63 10.01 5.50
C ILE A 223 9.14 8.87 6.37
N ASP A 224 7.82 8.78 6.53
CA ASP A 224 7.25 7.75 7.36
C ASP A 224 6.69 6.56 6.58
N GLY A 225 6.46 6.75 5.29
CA GLY A 225 5.92 5.69 4.49
C GLY A 225 6.07 5.95 3.01
N ILE A 226 5.83 4.92 2.21
CA ILE A 226 5.95 5.02 0.77
C ILE A 226 4.80 4.41 0.01
N ARG A 227 4.36 5.11 -1.04
CA ARG A 227 3.34 4.60 -1.91
C ARG A 227 3.97 4.31 -3.25
N MET A 228 4.19 3.02 -3.51
CA MET A 228 4.80 2.59 -4.74
C MET A 228 3.82 2.64 -5.89
N ASP A 229 4.18 3.42 -6.89
CA ASP A 229 3.34 3.59 -8.05
C ASP A 229 3.50 2.46 -9.06
N ALA A 230 2.38 2.07 -9.66
CA ALA A 230 2.36 1.05 -10.70
C ALA A 230 3.21 -0.18 -10.42
N VAL A 231 2.99 -0.84 -9.30
CA VAL A 231 3.78 -2.03 -8.99
C VAL A 231 3.44 -3.20 -9.89
N LYS A 232 2.29 -3.09 -10.49
CA LYS A 232 1.81 -4.10 -11.40
C LYS A 232 2.61 -4.08 -12.69
N HIS A 233 3.41 -3.04 -12.87
CA HIS A 233 4.21 -2.88 -14.07
C HIS A 233 5.71 -3.07 -13.91
N MET A 234 6.13 -3.57 -12.74
CA MET A 234 7.53 -3.79 -12.47
C MET A 234 7.79 -5.22 -12.06
N PRO A 235 8.98 -5.74 -12.40
CA PRO A 235 9.30 -7.09 -12.07
C PRO A 235 9.16 -7.30 -10.59
N PHE A 236 8.42 -8.34 -10.24
CA PHE A 236 8.18 -8.66 -8.86
C PHE A 236 9.48 -8.94 -8.13
N GLY A 237 10.39 -9.64 -8.82
CA GLY A 237 11.68 -9.97 -8.26
C GLY A 237 12.47 -8.73 -7.87
N TRP A 238 12.51 -7.76 -8.78
CA TRP A 238 13.23 -6.55 -8.50
C TRP A 238 12.62 -5.81 -7.33
N GLN A 239 11.30 -5.75 -7.32
CA GLN A 239 10.61 -5.06 -6.25
C GLN A 239 10.94 -5.64 -4.89
N LYS A 240 11.03 -6.95 -4.82
CA LYS A 240 11.36 -7.60 -3.58
C LYS A 240 12.73 -7.14 -3.10
N SER A 241 13.70 -7.15 -4.01
CA SER A 241 15.04 -6.72 -3.67
C SER A 241 15.05 -5.25 -3.27
N PHE A 242 14.08 -4.51 -3.79
CA PHE A 242 13.99 -3.11 -3.45
C PHE A 242 13.47 -2.95 -2.03
N MET A 243 12.47 -3.77 -1.68
CA MET A 243 11.89 -3.74 -0.34
C MET A 243 12.91 -4.11 0.72
N ALA A 244 13.79 -5.04 0.36
CA ALA A 244 14.84 -5.48 1.25
C ALA A 244 15.82 -4.36 1.51
N ALA A 245 16.18 -3.67 0.43
CA ALA A 245 17.09 -2.55 0.54
C ALA A 245 16.55 -1.55 1.52
N VAL A 246 15.24 -1.44 1.55
CA VAL A 246 14.57 -0.54 2.44
C VAL A 246 14.55 -1.06 3.87
N ASN A 247 13.97 -2.25 4.01
CA ASN A 247 13.82 -2.92 5.30
C ASN A 247 15.11 -3.15 6.05
N ASN A 248 16.17 -3.37 5.31
CA ASN A 248 17.45 -3.62 5.91
C ASN A 248 18.18 -2.33 6.26
N TYR A 249 17.61 -1.22 5.81
CA TYR A 249 18.17 0.09 6.05
C TYR A 249 17.38 0.83 7.11
N LYS A 250 16.28 1.42 6.66
CA LYS A 250 15.36 2.14 7.50
C LYS A 250 13.95 1.78 7.08
N PRO A 251 13.44 0.72 7.67
CA PRO A 251 12.10 0.22 7.36
C PRO A 251 11.02 1.27 7.55
N VAL A 252 10.08 1.30 6.61
CA VAL A 252 8.93 2.18 6.64
C VAL A 252 7.77 1.51 5.94
N PHE A 253 6.58 1.68 6.49
CA PHE A 253 5.38 1.11 5.93
C PHE A 253 5.25 1.44 4.45
N THR A 254 5.28 0.41 3.60
CA THR A 254 5.20 0.57 2.16
C THR A 254 4.04 -0.20 1.56
N PHE A 255 3.33 0.44 0.62
CA PHE A 255 2.21 -0.17 -0.08
C PHE A 255 2.20 0.27 -1.52
N GLY A 256 2.05 -0.69 -2.43
CA GLY A 256 2.05 -0.38 -3.85
C GLY A 256 0.66 -0.28 -4.47
N GLU A 257 0.64 0.22 -5.70
CA GLU A 257 -0.59 0.38 -6.45
C GLU A 257 -0.75 -0.68 -7.53
N TRP A 258 -1.59 -1.67 -7.25
CA TRP A 258 -1.88 -2.74 -8.18
C TRP A 258 -3.34 -2.58 -8.61
N PHE A 259 -3.53 -1.80 -9.65
CA PHE A 259 -4.85 -1.49 -10.18
C PHE A 259 -5.71 -2.70 -10.51
N LEU A 260 -6.88 -2.74 -9.89
CA LEU A 260 -7.85 -3.81 -10.13
C LEU A 260 -9.16 -3.19 -10.58
N GLY A 261 -9.80 -3.81 -11.58
CA GLY A 261 -11.06 -3.30 -12.08
C GLY A 261 -12.25 -3.84 -11.30
N VAL A 262 -13.44 -3.55 -11.80
CA VAL A 262 -14.66 -4.01 -11.19
C VAL A 262 -14.78 -5.52 -11.29
N ASN A 263 -15.12 -6.14 -10.18
CA ASN A 263 -15.29 -7.58 -10.15
C ASN A 263 -14.02 -8.35 -10.45
N GLU A 264 -12.90 -7.64 -10.54
CA GLU A 264 -11.66 -8.31 -10.83
C GLU A 264 -10.94 -8.78 -9.58
N VAL A 265 -10.60 -10.07 -9.58
CA VAL A 265 -9.86 -10.70 -8.50
C VAL A 265 -8.62 -11.34 -9.08
N SER A 266 -7.46 -10.94 -8.57
CA SER A 266 -6.20 -11.46 -9.08
C SER A 266 -5.41 -12.23 -8.04
N PRO A 267 -5.02 -13.44 -8.41
CA PRO A 267 -4.23 -14.28 -7.55
C PRO A 267 -2.79 -13.77 -7.50
N GLU A 268 -2.36 -13.19 -8.61
CA GLU A 268 -1.04 -12.63 -8.70
C GLU A 268 -0.95 -11.49 -7.71
N ASN A 269 -2.00 -10.70 -7.70
CA ASN A 269 -2.13 -9.58 -6.81
C ASN A 269 -1.99 -10.03 -5.35
N HIS A 270 -2.68 -11.13 -5.03
CA HIS A 270 -2.64 -11.69 -3.69
C HIS A 270 -1.23 -12.15 -3.33
N LYS A 271 -0.65 -12.90 -4.26
CA LYS A 271 0.69 -13.42 -4.08
C LYS A 271 1.69 -12.31 -3.82
N PHE A 272 1.59 -11.25 -4.61
CA PHE A 272 2.47 -10.10 -4.49
C PHE A 272 2.38 -9.47 -3.10
N ALA A 273 1.16 -9.22 -2.66
CA ALA A 273 0.94 -8.61 -1.38
C ALA A 273 1.45 -9.47 -0.25
N ASN A 274 1.43 -10.78 -0.45
CA ASN A 274 1.85 -11.72 0.56
C ASN A 274 3.32 -12.07 0.56
N GLU A 275 4.01 -11.84 -0.56
CA GLU A 275 5.41 -12.19 -0.62
C GLU A 275 6.38 -11.12 -1.11
N SER A 276 5.86 -9.96 -1.53
CA SER A 276 6.70 -8.88 -2.03
C SER A 276 7.50 -8.15 -0.97
N GLY A 277 6.90 -8.00 0.19
CA GLY A 277 7.53 -7.28 1.27
C GLY A 277 6.82 -5.95 1.49
N MET A 278 5.81 -5.73 0.63
CA MET A 278 4.98 -4.55 0.65
C MET A 278 3.52 -4.96 0.54
N SER A 279 2.63 -4.13 1.07
CA SER A 279 1.22 -4.41 0.96
C SER A 279 0.66 -3.67 -0.24
N LEU A 280 -0.65 -3.62 -0.37
CA LEU A 280 -1.20 -2.94 -1.52
C LEU A 280 -2.37 -2.06 -1.22
N LEU A 281 -2.72 -1.26 -2.21
CA LEU A 281 -3.89 -0.42 -2.13
C LEU A 281 -5.05 -1.38 -2.41
N ASP A 282 -5.99 -1.45 -1.48
CA ASP A 282 -7.10 -2.38 -1.57
C ASP A 282 -8.18 -2.04 -2.60
N PHE A 283 -7.83 -2.21 -3.89
CA PHE A 283 -8.74 -1.94 -4.98
C PHE A 283 -9.99 -2.80 -4.92
N ARG A 284 -9.82 -4.07 -4.56
CA ARG A 284 -10.94 -4.99 -4.45
C ARG A 284 -12.00 -4.45 -3.51
N PHE A 285 -11.52 -3.86 -2.42
CA PHE A 285 -12.39 -3.28 -1.43
C PHE A 285 -13.08 -2.05 -2.02
N ALA A 286 -12.27 -1.16 -2.60
CA ALA A 286 -12.77 0.06 -3.20
C ALA A 286 -13.84 -0.19 -4.27
N GLN A 287 -13.53 -1.06 -5.21
CA GLN A 287 -14.46 -1.38 -6.27
C GLN A 287 -15.78 -1.89 -5.73
N LYS A 288 -15.71 -2.79 -4.76
CA LYS A 288 -16.92 -3.36 -4.18
C LYS A 288 -17.74 -2.30 -3.46
N VAL A 289 -17.05 -1.42 -2.75
CA VAL A 289 -17.71 -0.36 -2.01
C VAL A 289 -18.52 0.53 -2.96
N ARG A 290 -17.90 0.87 -4.08
CA ARG A 290 -18.57 1.71 -5.04
C ARG A 290 -19.82 1.04 -5.61
N GLN A 291 -19.68 -0.24 -5.91
CA GLN A 291 -20.75 -1.04 -6.46
C GLN A 291 -21.96 -1.01 -5.56
N VAL A 292 -21.69 -1.25 -4.28
CA VAL A 292 -22.71 -1.34 -3.26
C VAL A 292 -23.27 -0.01 -2.78
N PHE A 293 -22.39 0.94 -2.47
CA PHE A 293 -22.84 2.21 -1.95
C PHE A 293 -23.08 3.29 -2.98
N ARG A 294 -22.36 3.21 -4.08
CA ARG A 294 -22.45 4.22 -5.10
C ARG A 294 -23.32 3.87 -6.31
N ASP A 295 -22.92 2.85 -7.05
CA ASP A 295 -23.62 2.46 -8.25
C ASP A 295 -24.75 1.47 -8.10
N ASN A 296 -24.92 0.94 -6.90
CA ASN A 296 -25.97 -0.03 -6.63
C ASN A 296 -26.00 -1.18 -7.62
N THR A 297 -24.81 -1.66 -7.98
CA THR A 297 -24.68 -2.78 -8.90
C THR A 297 -24.39 -4.10 -8.18
N ASP A 298 -24.47 -4.04 -6.86
CA ASP A 298 -24.26 -5.18 -5.97
C ASP A 298 -24.83 -4.87 -4.60
N ASN A 299 -25.19 -5.89 -3.85
CA ASN A 299 -25.76 -5.67 -2.53
C ASN A 299 -24.85 -6.08 -1.38
N MET A 300 -25.41 -6.01 -0.18
CA MET A 300 -24.71 -6.35 1.05
C MET A 300 -24.06 -7.71 1.02
N TYR A 301 -24.68 -8.65 0.32
CA TYR A 301 -24.12 -9.98 0.22
C TYR A 301 -22.77 -9.94 -0.46
N GLY A 302 -22.67 -9.08 -1.45
CA GLY A 302 -21.44 -8.90 -2.18
C GLY A 302 -20.40 -8.31 -1.25
N LEU A 303 -20.82 -7.33 -0.47
CA LEU A 303 -19.93 -6.68 0.46
C LEU A 303 -19.38 -7.70 1.44
N LYS A 304 -20.27 -8.51 1.97
CA LYS A 304 -19.87 -9.53 2.91
C LYS A 304 -18.89 -10.53 2.30
N ALA A 305 -19.14 -10.92 1.06
CA ALA A 305 -18.26 -11.85 0.38
C ALA A 305 -16.84 -11.30 0.27
N MET A 306 -16.78 -10.02 -0.11
CA MET A 306 -15.52 -9.34 -0.26
C MET A 306 -14.72 -9.36 1.04
N LEU A 307 -15.39 -9.04 2.15
CA LEU A 307 -14.75 -9.03 3.43
C LEU A 307 -14.18 -10.39 3.82
N GLU A 308 -14.99 -11.44 3.72
CA GLU A 308 -14.50 -12.76 4.07
C GLU A 308 -13.44 -13.28 3.12
N GLY A 309 -13.65 -13.05 1.84
CA GLY A 309 -12.68 -13.50 0.87
C GLY A 309 -11.34 -12.84 1.08
N SER A 310 -11.36 -11.53 1.16
CA SER A 310 -10.15 -10.79 1.33
C SER A 310 -9.42 -11.19 2.61
N ALA A 311 -10.19 -11.41 3.66
CA ALA A 311 -9.60 -11.80 4.93
C ALA A 311 -8.83 -13.10 4.81
N ALA A 312 -9.17 -13.89 3.79
CA ALA A 312 -8.51 -15.15 3.59
C ALA A 312 -7.42 -15.09 2.53
N ASP A 313 -7.59 -14.22 1.55
CA ASP A 313 -6.62 -14.11 0.48
C ASP A 313 -5.38 -13.34 0.84
N TYR A 314 -5.52 -12.38 1.75
CA TYR A 314 -4.39 -11.58 2.18
C TYR A 314 -3.82 -12.06 3.51
N ALA A 315 -2.55 -12.42 3.49
CA ALA A 315 -1.91 -12.87 4.70
C ALA A 315 -1.97 -11.79 5.77
N GLN A 316 -1.83 -10.54 5.33
CA GLN A 316 -1.88 -9.38 6.22
C GLN A 316 -2.94 -8.37 5.77
N VAL A 317 -4.20 -8.76 5.88
CA VAL A 317 -5.31 -7.93 5.47
C VAL A 317 -5.29 -6.56 6.13
N ASP A 318 -4.79 -6.52 7.35
CA ASP A 318 -4.74 -5.27 8.09
C ASP A 318 -3.75 -4.27 7.53
N ASP A 319 -2.96 -4.70 6.58
CA ASP A 319 -1.97 -3.83 5.97
C ASP A 319 -2.42 -3.23 4.65
N GLN A 320 -3.54 -3.71 4.15
CA GLN A 320 -4.04 -3.20 2.89
C GLN A 320 -4.60 -1.82 3.08
N VAL A 321 -4.31 -0.92 2.14
CA VAL A 321 -4.79 0.44 2.21
C VAL A 321 -6.12 0.64 1.48
N THR A 322 -7.17 0.85 2.27
CA THR A 322 -8.52 1.03 1.75
C THR A 322 -8.82 2.44 1.29
N PHE A 323 -9.83 2.54 0.43
CA PHE A 323 -10.28 3.80 -0.13
C PHE A 323 -11.59 3.64 -0.88
N ILE A 324 -12.19 4.76 -1.25
CA ILE A 324 -13.45 4.77 -1.99
C ILE A 324 -13.31 5.46 -3.35
N ASP A 325 -12.19 6.16 -3.50
CA ASP A 325 -11.85 6.84 -4.74
C ASP A 325 -10.42 7.32 -4.74
N ASN A 326 -10.00 7.79 -5.91
CA ASN A 326 -8.65 8.28 -6.05
C ASN A 326 -8.51 9.16 -7.28
N HIS A 327 -7.30 9.64 -7.51
CA HIS A 327 -7.00 10.52 -8.62
C HIS A 327 -7.13 9.84 -9.97
N ASP A 328 -7.39 8.55 -9.97
CA ASP A 328 -7.51 7.81 -11.21
C ASP A 328 -8.94 7.45 -11.56
N MET A 329 -9.89 7.70 -10.67
CA MET A 329 -11.27 7.36 -10.97
C MET A 329 -12.24 8.47 -10.67
N GLU A 330 -13.47 8.29 -11.14
CA GLU A 330 -14.53 9.27 -10.91
C GLU A 330 -14.69 9.53 -9.42
N ARG A 331 -14.96 10.77 -9.06
CA ARG A 331 -15.14 11.07 -7.66
C ARG A 331 -16.36 10.32 -7.16
N PHE A 332 -16.27 9.83 -5.93
CA PHE A 332 -17.36 9.05 -5.37
C PHE A 332 -18.71 9.74 -5.47
N HIS A 333 -18.72 10.99 -5.04
CA HIS A 333 -19.91 11.79 -5.03
C HIS A 333 -20.27 12.37 -6.39
N ALA A 334 -21.52 12.14 -6.79
CA ALA A 334 -22.06 12.65 -8.03
C ALA A 334 -22.84 13.92 -7.72
N SER A 335 -22.58 14.96 -8.50
CA SER A 335 -23.20 16.26 -8.32
C SER A 335 -24.68 16.23 -8.00
N ASN A 336 -25.36 15.19 -8.44
CA ASN A 336 -26.79 15.06 -8.24
C ASN A 336 -27.17 13.99 -7.26
N ALA A 337 -26.20 13.25 -6.77
CA ALA A 337 -26.49 12.17 -5.85
C ALA A 337 -26.72 12.60 -4.42
N ASN A 338 -27.29 11.67 -3.64
CA ASN A 338 -27.58 11.88 -2.24
C ASN A 338 -26.31 11.74 -1.42
N ARG A 339 -25.96 12.83 -0.73
CA ARG A 339 -24.78 12.91 0.09
C ARG A 339 -24.60 11.77 1.06
N ARG A 340 -25.71 11.33 1.65
CA ARG A 340 -25.67 10.24 2.61
C ARG A 340 -24.89 9.04 2.09
N LYS A 341 -24.91 8.86 0.77
CA LYS A 341 -24.20 7.76 0.17
C LYS A 341 -22.72 7.84 0.46
N LEU A 342 -22.16 9.02 0.25
CA LEU A 342 -20.76 9.26 0.50
C LEU A 342 -20.43 9.16 1.98
N GLU A 343 -21.29 9.73 2.80
CA GLU A 343 -21.09 9.70 4.22
C GLU A 343 -21.06 8.26 4.74
N GLN A 344 -21.95 7.44 4.18
CA GLN A 344 -22.03 6.04 4.57
C GLN A 344 -20.76 5.29 4.21
N ALA A 345 -20.37 5.40 2.95
CA ALA A 345 -19.16 4.74 2.49
C ALA A 345 -17.98 5.14 3.35
N LEU A 346 -17.97 6.40 3.79
CA LEU A 346 -16.91 6.91 4.63
C LEU A 346 -16.88 6.16 5.96
N ALA A 347 -18.01 6.17 6.63
CA ALA A 347 -18.15 5.51 7.92
C ALA A 347 -17.71 4.06 7.84
N PHE A 348 -18.20 3.38 6.82
CA PHE A 348 -17.86 1.99 6.61
C PHE A 348 -16.36 1.80 6.51
N THR A 349 -15.74 2.59 5.65
CA THR A 349 -14.32 2.53 5.43
C THR A 349 -13.52 2.79 6.70
N LEU A 350 -13.85 3.88 7.36
CA LEU A 350 -13.15 4.25 8.57
C LEU A 350 -13.20 3.21 9.67
N THR A 351 -14.27 2.42 9.69
CA THR A 351 -14.43 1.41 10.72
C THR A 351 -14.06 0.01 10.25
N SER A 352 -13.61 -0.09 9.01
CA SER A 352 -13.23 -1.38 8.46
C SER A 352 -11.75 -1.69 8.63
N ARG A 353 -11.40 -2.96 8.39
CA ARG A 353 -10.02 -3.41 8.49
C ARG A 353 -9.15 -2.81 7.39
N GLY A 354 -7.86 -2.62 7.71
CA GLY A 354 -6.89 -2.07 6.78
C GLY A 354 -6.52 -0.64 7.11
N VAL A 355 -5.81 0.01 6.20
CA VAL A 355 -5.40 1.39 6.37
C VAL A 355 -6.25 2.28 5.50
N PRO A 356 -7.15 3.02 6.14
CA PRO A 356 -8.06 3.90 5.43
C PRO A 356 -7.39 5.13 4.84
N ALA A 357 -7.73 5.43 3.58
CA ALA A 357 -7.20 6.57 2.88
C ALA A 357 -8.32 7.41 2.28
N ILE A 358 -8.28 8.70 2.56
CA ILE A 358 -9.27 9.63 2.03
C ILE A 358 -8.64 10.58 1.03
N TYR A 359 -9.21 10.61 -0.16
CA TYR A 359 -8.76 11.47 -1.23
C TYR A 359 -9.18 12.89 -0.89
N TYR A 360 -8.24 13.83 -0.97
CA TYR A 360 -8.53 15.22 -0.62
C TYR A 360 -9.79 15.74 -1.33
N GLY A 361 -10.64 16.44 -0.57
CA GLY A 361 -11.84 17.01 -1.15
C GLY A 361 -13.10 16.23 -0.87
N THR A 362 -12.92 14.97 -0.49
CA THR A 362 -14.05 14.11 -0.17
C THR A 362 -14.97 14.77 0.83
N GLU A 363 -14.37 15.18 1.94
CA GLU A 363 -15.08 15.85 3.01
C GLU A 363 -15.73 17.12 2.52
N GLN A 364 -15.39 17.53 1.31
CA GLN A 364 -15.97 18.74 0.74
C GLN A 364 -17.02 18.44 -0.34
N TYR A 365 -17.37 17.15 -0.48
CA TYR A 365 -18.35 16.73 -1.45
C TYR A 365 -17.97 17.08 -2.88
N MET A 366 -16.68 16.98 -3.17
CA MET A 366 -16.21 17.28 -4.50
C MET A 366 -16.66 16.23 -5.52
N SER A 367 -17.11 16.71 -6.67
CA SER A 367 -17.55 15.84 -7.75
C SER A 367 -16.65 16.02 -8.94
N GLY A 368 -16.60 15.01 -9.79
CA GLY A 368 -15.76 15.09 -10.96
C GLY A 368 -15.52 13.72 -11.58
N GLY A 369 -15.44 13.72 -12.90
CA GLY A 369 -15.19 12.51 -13.64
C GLY A 369 -13.73 12.14 -13.63
N THR A 370 -13.32 11.40 -14.64
CA THR A 370 -11.95 10.95 -14.77
C THR A 370 -10.97 12.11 -14.95
N ASP A 371 -9.71 11.76 -14.81
CA ASP A 371 -8.59 12.67 -14.94
C ASP A 371 -8.75 13.57 -16.18
N PRO A 372 -8.57 14.88 -16.01
CA PRO A 372 -8.17 15.46 -14.75
C PRO A 372 -9.33 16.07 -13.95
N ASP A 373 -10.55 15.88 -14.45
CA ASP A 373 -11.72 16.43 -13.79
C ASP A 373 -11.82 16.04 -12.32
N ASN A 374 -11.12 14.98 -11.94
CA ASN A 374 -11.15 14.52 -10.56
C ASN A 374 -10.03 15.12 -9.71
N ARG A 375 -9.35 16.14 -10.25
CA ARG A 375 -8.27 16.75 -9.52
C ARG A 375 -8.37 18.27 -9.43
N ALA A 376 -9.59 18.75 -9.23
CA ALA A 376 -9.81 20.18 -9.13
C ALA A 376 -9.27 20.70 -7.82
N ARG A 377 -9.08 22.02 -7.76
CA ARG A 377 -8.58 22.61 -6.55
C ARG A 377 -9.64 22.52 -5.46
N ILE A 378 -9.21 22.20 -4.24
CA ILE A 378 -10.14 22.11 -3.15
C ILE A 378 -10.86 23.42 -2.97
N PRO A 379 -12.17 23.39 -3.20
CA PRO A 379 -13.03 24.55 -3.15
C PRO A 379 -13.04 25.29 -1.81
N SER A 380 -12.88 24.57 -0.71
CA SER A 380 -12.91 25.24 0.58
C SER A 380 -12.42 24.39 1.74
N PHE A 381 -12.05 25.08 2.81
CA PHE A 381 -11.56 24.43 4.02
C PHE A 381 -12.55 24.59 5.15
N SER A 382 -13.78 24.18 4.90
CA SER A 382 -14.84 24.27 5.90
C SER A 382 -14.97 23.02 6.74
N THR A 383 -15.06 23.24 8.04
CA THR A 383 -15.19 22.16 8.99
C THR A 383 -16.66 21.90 9.27
N SER A 384 -17.49 22.67 8.62
CA SER A 384 -18.93 22.59 8.80
C SER A 384 -19.67 21.45 8.12
N THR A 385 -19.10 20.83 7.09
CA THR A 385 -19.78 19.74 6.41
C THR A 385 -20.01 18.53 7.28
N THR A 386 -21.01 17.72 6.90
CA THR A 386 -21.35 16.50 7.61
C THR A 386 -20.24 15.46 7.49
N ALA A 387 -19.70 15.33 6.27
CA ALA A 387 -18.62 14.40 6.00
C ALA A 387 -17.44 14.68 6.91
N TYR A 388 -17.10 15.95 7.04
CA TYR A 388 -15.99 16.38 7.88
C TYR A 388 -16.16 15.90 9.31
N GLN A 389 -17.40 15.99 9.81
CA GLN A 389 -17.69 15.57 11.16
C GLN A 389 -17.66 14.05 11.34
N VAL A 390 -18.04 13.33 10.30
CA VAL A 390 -18.01 11.88 10.35
C VAL A 390 -16.59 11.44 10.62
N ILE A 391 -15.70 11.93 9.78
CA ILE A 391 -14.29 11.63 9.90
C ILE A 391 -13.79 12.00 11.26
N GLN A 392 -14.13 13.21 11.65
CA GLN A 392 -13.74 13.75 12.93
C GLN A 392 -14.16 12.83 14.06
N LYS A 393 -15.35 12.28 13.96
CA LYS A 393 -15.86 11.40 14.99
C LYS A 393 -15.32 9.98 14.91
N LEU A 394 -15.06 9.50 13.70
CA LEU A 394 -14.61 8.14 13.54
C LEU A 394 -13.11 7.90 13.52
N ALA A 395 -12.35 8.83 12.96
CA ALA A 395 -10.91 8.68 12.86
C ALA A 395 -10.23 8.25 14.15
N PRO A 396 -10.42 9.04 15.19
CA PRO A 396 -9.82 8.77 16.46
C PRO A 396 -10.08 7.36 17.00
N LEU A 397 -11.19 6.75 16.62
CA LEU A 397 -11.47 5.41 17.10
C LEU A 397 -10.36 4.43 16.79
N ARG A 398 -9.72 4.61 15.63
CA ARG A 398 -8.65 3.73 15.22
C ARG A 398 -7.49 3.77 16.19
N LYS A 399 -7.42 4.85 16.97
CA LYS A 399 -6.35 5.02 17.93
C LYS A 399 -6.71 4.58 19.34
N CYS A 400 -7.99 4.57 19.66
CA CYS A 400 -8.39 4.20 20.99
C CYS A 400 -9.07 2.86 21.07
N ASN A 401 -9.50 2.34 19.93
CA ASN A 401 -10.16 1.05 19.93
C ASN A 401 -9.48 0.06 19.00
N PRO A 402 -8.58 -0.71 19.59
CA PRO A 402 -7.79 -1.72 18.89
C PRO A 402 -8.62 -2.69 18.08
N ALA A 403 -9.90 -2.82 18.42
CA ALA A 403 -10.75 -3.70 17.67
C ALA A 403 -10.86 -3.22 16.22
N ILE A 404 -10.92 -1.91 16.08
CA ILE A 404 -11.02 -1.27 14.78
C ILE A 404 -9.74 -1.42 13.95
N ALA A 405 -8.60 -1.19 14.59
CA ALA A 405 -7.32 -1.25 13.92
C ALA A 405 -6.77 -2.64 13.67
N TYR A 406 -7.04 -3.59 14.57
CA TYR A 406 -6.50 -4.94 14.44
C TYR A 406 -7.54 -6.03 14.52
N GLY A 407 -8.73 -5.68 14.92
CA GLY A 407 -9.78 -6.66 15.08
C GLY A 407 -10.14 -7.42 13.82
N SER A 408 -10.85 -8.52 14.04
CA SER A 408 -11.34 -9.35 12.98
C SER A 408 -12.67 -8.80 12.53
N THR A 409 -13.19 -9.32 11.42
CA THR A 409 -14.47 -8.87 10.92
C THR A 409 -15.47 -9.98 10.89
N GLN A 410 -16.65 -9.72 11.42
CA GLN A 410 -17.67 -10.75 11.45
C GLN A 410 -19.06 -10.21 11.21
N GLU A 411 -19.74 -10.79 10.25
CA GLU A 411 -21.10 -10.37 9.95
C GLU A 411 -22.05 -10.87 11.04
N ARG A 412 -22.85 -9.97 11.61
CA ARG A 412 -23.78 -10.35 12.66
C ARG A 412 -25.25 -10.24 12.27
N TRP A 413 -25.52 -9.48 11.21
CA TRP A 413 -26.85 -9.28 10.68
C TRP A 413 -26.73 -8.81 9.24
N ILE A 414 -27.59 -9.34 8.37
CA ILE A 414 -27.49 -8.94 7.00
C ILE A 414 -28.71 -9.23 6.15
N ASN A 415 -28.90 -8.37 5.18
CA ASN A 415 -29.96 -8.48 4.19
C ASN A 415 -29.53 -7.75 2.94
N ASN A 416 -30.45 -7.50 2.05
CA ASN A 416 -30.10 -6.81 0.82
C ASN A 416 -29.42 -5.46 1.05
N ASP A 417 -30.00 -4.64 1.92
CA ASP A 417 -29.50 -3.31 2.16
C ASP A 417 -28.87 -3.05 3.52
N VAL A 418 -28.95 -4.02 4.41
CA VAL A 418 -28.40 -3.84 5.73
C VAL A 418 -27.20 -4.70 6.01
N LEU A 419 -26.30 -4.16 6.81
CA LEU A 419 -25.12 -4.87 7.21
C LEU A 419 -24.67 -4.45 8.58
N ILE A 420 -24.69 -5.39 9.50
CA ILE A 420 -24.23 -5.14 10.83
C ILE A 420 -23.04 -6.03 11.08
N TYR A 421 -21.88 -5.42 11.22
CA TYR A 421 -20.67 -6.19 11.43
C TYR A 421 -19.98 -5.83 12.72
N GLU A 422 -19.20 -6.78 13.19
CA GLU A 422 -18.49 -6.66 14.44
C GLU A 422 -16.99 -6.84 14.27
N ARG A 423 -16.24 -5.93 14.89
CA ARG A 423 -14.79 -5.93 14.90
C ARG A 423 -14.35 -6.38 16.29
N LYS A 424 -13.48 -7.37 16.36
CA LYS A 424 -13.05 -7.85 17.65
C LYS A 424 -11.56 -8.05 17.77
N PHE A 425 -11.02 -7.57 18.89
CA PHE A 425 -9.61 -7.70 19.20
C PHE A 425 -9.42 -7.68 20.69
N GLY A 426 -9.15 -8.84 21.25
CA GLY A 426 -8.96 -8.95 22.68
C GLY A 426 -10.25 -8.64 23.42
N SER A 427 -10.16 -7.69 24.35
CA SER A 427 -11.31 -7.28 25.14
C SER A 427 -11.97 -6.05 24.57
N ASN A 428 -11.81 -5.83 23.28
CA ASN A 428 -12.37 -4.67 22.65
C ASN A 428 -13.31 -5.02 21.53
N VAL A 429 -14.46 -4.38 21.54
CA VAL A 429 -15.48 -4.62 20.55
C VAL A 429 -16.00 -3.34 19.93
N ALA A 430 -16.42 -3.49 18.69
CA ALA A 430 -17.01 -2.43 17.91
C ALA A 430 -18.05 -3.03 17.00
N VAL A 431 -19.23 -2.45 17.02
CA VAL A 431 -20.31 -2.90 16.18
C VAL A 431 -20.80 -1.78 15.31
N VAL A 432 -20.85 -2.05 14.01
CA VAL A 432 -21.30 -1.08 13.04
C VAL A 432 -22.50 -1.55 12.26
N ALA A 433 -23.53 -0.70 12.23
CA ALA A 433 -24.75 -0.99 11.51
C ALA A 433 -24.95 -0.01 10.36
N VAL A 434 -25.24 -0.55 9.17
CA VAL A 434 -25.43 0.27 8.00
C VAL A 434 -26.64 -0.12 7.18
N ASN A 435 -27.44 0.90 6.84
CA ASN A 435 -28.63 0.75 6.04
C ASN A 435 -28.52 1.60 4.78
N ARG A 436 -28.00 1.00 3.72
CA ARG A 436 -27.83 1.70 2.47
C ARG A 436 -29.14 2.17 1.90
N ASN A 437 -30.22 1.50 2.28
CA ASN A 437 -31.50 1.89 1.78
C ASN A 437 -31.88 3.28 2.24
N LEU A 438 -31.96 4.18 1.29
CA LEU A 438 -32.28 5.58 1.56
C LEU A 438 -33.77 5.84 1.78
N ASN A 439 -34.62 4.89 1.43
CA ASN A 439 -36.05 5.10 1.60
C ASN A 439 -36.72 4.22 2.61
N ALA A 440 -36.20 3.02 2.83
CA ALA A 440 -36.84 2.12 3.76
C ALA A 440 -36.01 1.81 4.98
N PRO A 441 -36.69 1.86 6.12
CA PRO A 441 -36.08 1.53 7.37
C PRO A 441 -36.12 0.01 7.52
N ALA A 442 -35.29 -0.49 8.41
CA ALA A 442 -35.24 -1.92 8.63
C ALA A 442 -35.52 -2.29 10.07
N SER A 443 -36.17 -3.43 10.24
CA SER A 443 -36.49 -3.93 11.57
C SER A 443 -35.44 -4.93 11.96
N ILE A 444 -34.65 -4.58 12.95
CA ILE A 444 -33.60 -5.46 13.37
C ILE A 444 -33.91 -6.21 14.65
N SER A 445 -33.95 -7.52 14.51
CA SER A 445 -34.19 -8.43 15.61
C SER A 445 -33.33 -9.66 15.41
N GLY A 446 -32.86 -10.23 16.50
CA GLY A 446 -32.03 -11.41 16.42
C GLY A 446 -30.55 -11.05 16.39
N LEU A 447 -30.27 -9.77 16.59
CA LEU A 447 -28.90 -9.32 16.59
C LEU A 447 -28.15 -9.82 17.81
N VAL A 448 -27.06 -10.52 17.55
CA VAL A 448 -26.23 -11.04 18.61
C VAL A 448 -24.84 -10.46 18.48
N THR A 449 -24.29 -9.97 19.59
CA THR A 449 -22.97 -9.37 19.55
C THR A 449 -22.07 -9.85 20.66
N SER A 450 -20.86 -9.34 20.67
CA SER A 450 -19.88 -9.69 21.68
C SER A 450 -19.87 -8.63 22.78
N LEU A 451 -20.77 -7.66 22.66
CA LEU A 451 -20.84 -6.60 23.64
C LEU A 451 -21.40 -7.09 24.96
N PRO A 452 -20.86 -6.57 26.05
CA PRO A 452 -21.35 -6.95 27.34
C PRO A 452 -22.72 -6.33 27.56
N GLN A 453 -23.46 -6.87 28.50
CA GLN A 453 -24.77 -6.34 28.79
C GLN A 453 -24.66 -4.86 29.12
N GLY A 454 -25.58 -4.07 28.59
CA GLY A 454 -25.56 -2.64 28.86
C GLY A 454 -26.25 -1.83 27.78
N SER A 455 -26.03 -0.53 27.85
CA SER A 455 -26.60 0.40 26.91
C SER A 455 -25.50 1.15 26.19
N TYR A 456 -25.53 1.14 24.87
CA TYR A 456 -24.51 1.81 24.09
C TYR A 456 -25.04 2.94 23.25
N ASN A 457 -24.36 4.08 23.35
CA ASN A 457 -24.72 5.25 22.58
C ASN A 457 -24.00 5.24 21.25
N ASP A 458 -24.64 5.81 20.25
CA ASP A 458 -24.04 5.85 18.94
C ASP A 458 -22.85 6.78 18.95
N VAL A 459 -21.69 6.26 18.57
CA VAL A 459 -20.47 7.05 18.52
C VAL A 459 -20.63 8.28 17.63
N LEU A 460 -21.48 8.16 16.60
CA LEU A 460 -21.72 9.25 15.68
C LEU A 460 -22.68 10.30 16.26
N GLY A 461 -23.22 9.98 17.43
CA GLY A 461 -24.14 10.87 18.10
C GLY A 461 -25.39 11.19 17.28
N GLY A 462 -25.86 10.20 16.54
CA GLY A 462 -27.05 10.38 15.71
C GLY A 462 -26.79 11.17 14.45
N LEU A 463 -25.52 11.52 14.23
CA LEU A 463 -25.12 12.28 13.06
C LEU A 463 -25.68 11.70 11.77
N LEU A 464 -25.69 10.37 11.70
CA LEU A 464 -26.21 9.68 10.54
C LEU A 464 -27.44 8.85 10.89
N ASN A 465 -28.30 9.44 11.71
CA ASN A 465 -29.52 8.80 12.12
C ASN A 465 -29.31 7.50 12.88
N GLY A 466 -28.18 7.42 13.56
CA GLY A 466 -27.87 6.24 14.35
C GLY A 466 -28.75 6.22 15.58
N ASN A 467 -28.70 5.13 16.32
CA ASN A 467 -29.51 5.02 17.50
C ASN A 467 -28.75 4.38 18.66
N THR A 468 -29.42 4.31 19.80
CA THR A 468 -28.87 3.70 20.99
C THR A 468 -29.13 2.21 20.97
N LEU A 469 -28.13 1.45 21.38
CA LEU A 469 -28.24 0.01 21.39
C LEU A 469 -28.38 -0.54 22.81
N SER A 470 -29.31 -1.47 22.97
CA SER A 470 -29.55 -2.09 24.26
C SER A 470 -29.15 -3.54 24.21
N VAL A 471 -28.14 -3.89 24.99
CA VAL A 471 -27.64 -5.24 25.02
C VAL A 471 -27.96 -5.95 26.32
N GLY A 472 -28.60 -7.10 26.19
CA GLY A 472 -28.95 -7.90 27.33
C GLY A 472 -27.97 -9.03 27.51
N SER A 473 -28.40 -10.03 28.25
CA SER A 473 -27.56 -11.19 28.51
C SER A 473 -27.19 -11.89 27.23
N GLY A 474 -26.04 -12.55 27.25
CA GLY A 474 -25.57 -13.28 26.10
C GLY A 474 -25.29 -12.40 24.88
N GLY A 475 -25.11 -11.10 25.12
CA GLY A 475 -24.83 -10.16 24.04
C GLY A 475 -26.00 -9.99 23.08
N ALA A 476 -27.18 -10.42 23.49
CA ALA A 476 -28.35 -10.30 22.66
C ALA A 476 -28.92 -8.89 22.69
N ALA A 477 -28.98 -8.28 21.51
CA ALA A 477 -29.51 -6.93 21.38
C ALA A 477 -31.02 -6.93 21.31
N SER A 478 -31.61 -5.92 21.93
CA SER A 478 -33.05 -5.78 21.93
C SER A 478 -33.53 -5.38 20.53
N ASN A 479 -34.79 -5.64 20.24
CA ASN A 479 -35.32 -5.30 18.93
C ASN A 479 -35.25 -3.80 18.68
N PHE A 480 -34.80 -3.42 17.49
CA PHE A 480 -34.68 -2.02 17.18
C PHE A 480 -34.88 -1.71 15.70
N THR A 481 -35.22 -0.47 15.43
CA THR A 481 -35.44 -0.02 14.08
C THR A 481 -34.24 0.74 13.54
N LEU A 482 -33.74 0.30 12.40
CA LEU A 482 -32.63 0.96 11.78
C LEU A 482 -33.15 1.93 10.73
N ALA A 483 -33.09 3.21 11.05
CA ALA A 483 -33.56 4.26 10.16
C ALA A 483 -33.02 4.13 8.75
N ALA A 484 -33.77 4.71 7.81
CA ALA A 484 -33.38 4.70 6.43
C ALA A 484 -32.09 5.49 6.28
N GLY A 485 -31.15 4.93 5.53
CA GLY A 485 -29.87 5.58 5.34
C GLY A 485 -29.15 5.72 6.67
N GLY A 486 -29.56 4.89 7.63
CA GLY A 486 -28.99 4.89 8.97
C GLY A 486 -27.64 4.21 9.09
N THR A 487 -26.79 4.81 9.94
CA THR A 487 -25.46 4.33 10.22
C THR A 487 -25.13 4.56 11.68
N ALA A 488 -24.83 3.49 12.39
CA ALA A 488 -24.54 3.59 13.80
C ALA A 488 -23.25 2.86 14.18
N VAL A 489 -22.57 3.40 15.19
CA VAL A 489 -21.34 2.82 15.69
C VAL A 489 -21.36 2.67 17.19
N TRP A 490 -21.27 1.43 17.64
CA TRP A 490 -21.26 1.15 19.06
C TRP A 490 -19.95 0.47 19.41
N GLN A 491 -19.41 0.73 20.60
CA GLN A 491 -18.15 0.12 20.95
C GLN A 491 -17.93 -0.10 22.44
N TYR A 492 -17.02 -1.02 22.72
CA TYR A 492 -16.66 -1.38 24.06
C TYR A 492 -15.15 -1.62 24.14
N THR A 493 -14.51 -0.95 25.07
CA THR A 493 -13.08 -1.11 25.25
C THR A 493 -12.80 -1.58 26.65
N ALA A 494 -11.74 -2.35 26.80
CA ALA A 494 -11.38 -2.87 28.09
C ALA A 494 -9.95 -3.37 28.11
N ALA A 495 -9.38 -3.45 29.29
CA ALA A 495 -8.03 -3.91 29.44
C ALA A 495 -7.89 -5.34 28.98
N THR A 496 -6.80 -5.61 28.27
CA THR A 496 -6.53 -6.95 27.80
C THR A 496 -5.51 -7.60 28.70
N ALA A 497 -5.88 -8.76 29.24
CA ALA A 497 -5.03 -9.48 30.17
C ALA A 497 -3.91 -10.28 29.54
N THR A 498 -4.25 -11.11 28.56
CA THR A 498 -3.26 -11.93 27.91
C THR A 498 -2.59 -11.21 26.74
N PRO A 499 -1.32 -11.54 26.51
CA PRO A 499 -0.60 -10.94 25.42
C PRO A 499 -1.26 -11.24 24.09
N THR A 500 -1.54 -10.18 23.35
CA THR A 500 -2.17 -10.31 22.05
C THR A 500 -1.45 -9.50 21.00
N ILE A 501 -0.92 -10.20 20.01
CA ILE A 501 -0.23 -9.56 18.92
C ILE A 501 -1.22 -9.07 17.88
N GLY A 502 -1.19 -7.79 17.61
CA GLY A 502 -2.10 -7.22 16.64
C GLY A 502 -1.40 -6.90 15.31
N HIS A 503 -0.11 -6.62 15.36
CA HIS A 503 0.56 -6.29 14.13
C HIS A 503 2.08 -6.42 14.19
N VAL A 504 2.65 -6.73 13.03
CA VAL A 504 4.09 -6.85 12.89
C VAL A 504 4.59 -6.19 11.61
N GLY A 505 5.76 -5.58 11.70
CA GLY A 505 6.39 -4.91 10.56
C GLY A 505 7.78 -4.42 10.93
N PRO A 506 8.71 -4.51 9.97
CA PRO A 506 8.45 -5.04 8.65
C PRO A 506 8.15 -6.53 8.71
N MET A 507 7.71 -7.10 7.59
CA MET A 507 7.38 -8.50 7.49
C MET A 507 8.48 -9.31 6.82
N MET A 508 9.46 -8.61 6.31
CA MET A 508 10.57 -9.24 5.61
C MET A 508 11.85 -8.48 5.86
N ALA A 509 12.88 -9.21 6.30
CA ALA A 509 14.18 -8.60 6.58
C ALA A 509 15.21 -9.63 6.98
N LYS A 510 16.46 -9.17 7.05
CA LYS A 510 17.57 -10.02 7.44
C LYS A 510 17.84 -9.90 8.92
N PRO A 511 18.54 -10.89 9.47
CA PRO A 511 18.87 -10.87 10.87
C PRO A 511 19.61 -9.59 11.23
N GLY A 512 19.41 -9.12 12.46
CA GLY A 512 20.03 -7.91 12.94
C GLY A 512 19.07 -6.75 12.95
N VAL A 513 18.17 -6.75 11.98
CA VAL A 513 17.15 -5.71 11.84
C VAL A 513 16.14 -5.74 12.98
N THR A 514 15.75 -4.56 13.44
CA THR A 514 14.78 -4.44 14.51
C THR A 514 13.36 -4.38 13.97
N ILE A 515 12.48 -5.20 14.53
CA ILE A 515 11.10 -5.20 14.08
C ILE A 515 10.20 -4.69 15.17
N THR A 516 8.98 -4.35 14.77
CA THR A 516 8.02 -3.82 15.72
C THR A 516 6.79 -4.69 15.87
N ILE A 517 6.60 -5.19 17.09
CA ILE A 517 5.47 -6.01 17.41
C ILE A 517 4.47 -5.22 18.22
N ASP A 518 3.31 -4.94 17.61
CA ASP A 518 2.27 -4.16 18.23
C ASP A 518 1.08 -4.97 18.64
N GLY A 519 0.46 -4.58 19.76
CA GLY A 519 -0.71 -5.26 20.28
C GLY A 519 -1.10 -4.75 21.67
N ARG A 520 -1.61 -5.67 22.49
CA ARG A 520 -2.05 -5.36 23.83
C ARG A 520 -1.69 -6.46 24.80
N GLY A 521 -1.56 -6.07 26.07
CA GLY A 521 -1.26 -6.98 27.16
C GLY A 521 0.12 -7.61 27.13
N PHE A 522 1.11 -6.86 26.71
CA PHE A 522 2.46 -7.38 26.66
C PHE A 522 3.12 -7.34 28.02
N GLY A 523 2.53 -6.59 28.93
CA GLY A 523 3.09 -6.44 30.25
C GLY A 523 4.17 -5.38 30.20
N SER A 524 4.58 -4.91 31.38
CA SER A 524 5.59 -3.89 31.47
C SER A 524 7.01 -4.43 31.61
N SER A 525 7.13 -5.73 31.80
CA SER A 525 8.43 -6.35 31.95
C SER A 525 8.81 -7.21 30.77
N LYS A 526 10.05 -7.09 30.34
CA LYS A 526 10.59 -7.85 29.22
C LYS A 526 10.24 -9.33 29.30
N GLY A 527 9.62 -9.84 28.24
CA GLY A 527 9.29 -11.24 28.17
C GLY A 527 10.22 -11.94 27.20
N THR A 528 9.65 -12.79 26.37
CA THR A 528 10.42 -13.52 25.38
C THR A 528 9.74 -13.44 24.03
N VAL A 529 10.55 -13.33 22.98
CA VAL A 529 10.03 -13.29 21.65
C VAL A 529 10.47 -14.56 20.94
N TYR A 530 9.56 -15.16 20.19
CA TYR A 530 9.89 -16.38 19.48
C TYR A 530 9.81 -16.27 17.99
N PHE A 531 10.88 -16.70 17.35
CA PHE A 531 11.00 -16.78 15.92
C PHE A 531 11.01 -18.26 15.64
N GLY A 532 9.82 -18.83 15.52
CA GLY A 532 9.71 -20.23 15.35
C GLY A 532 9.89 -20.82 16.74
N THR A 533 10.90 -21.65 16.91
CA THR A 533 11.19 -22.24 18.21
C THR A 533 12.29 -21.48 18.92
N THR A 534 12.96 -20.62 18.17
CA THR A 534 14.05 -19.85 18.72
C THR A 534 13.57 -18.80 19.69
N ALA A 535 14.18 -18.78 20.85
CA ALA A 535 13.82 -17.82 21.86
C ALA A 535 14.74 -16.63 21.84
N VAL A 536 14.18 -15.46 22.13
CA VAL A 536 14.93 -14.23 22.17
C VAL A 536 14.54 -13.42 23.41
N SER A 537 15.53 -13.07 24.20
CA SER A 537 15.30 -12.30 25.40
C SER A 537 16.48 -11.44 25.76
N GLY A 538 16.27 -10.55 26.69
CA GLY A 538 17.31 -9.66 27.14
C GLY A 538 17.61 -8.54 26.16
N ALA A 539 18.90 -8.24 26.08
CA ALA A 539 19.45 -7.18 25.26
C ALA A 539 18.80 -7.02 23.91
N ASP A 540 18.77 -8.11 23.14
CA ASP A 540 18.19 -8.08 21.80
C ASP A 540 16.81 -7.49 21.73
N ILE A 541 16.13 -7.52 22.86
CA ILE A 541 14.85 -6.91 22.94
C ILE A 541 15.12 -5.47 23.35
N THR A 542 15.21 -4.60 22.36
CA THR A 542 15.53 -3.20 22.59
C THR A 542 14.51 -2.43 23.41
N SER A 543 13.24 -2.74 23.24
CA SER A 543 12.21 -2.05 23.98
C SER A 543 10.97 -2.90 24.18
N TRP A 544 10.40 -2.83 25.39
CA TRP A 544 9.22 -3.61 25.75
C TRP A 544 8.22 -2.85 26.61
N GLU A 545 7.00 -2.79 26.11
CA GLU A 545 5.89 -2.16 26.77
C GLU A 545 4.59 -2.85 26.44
N ASP A 546 3.54 -2.52 27.18
CA ASP A 546 2.25 -3.15 26.99
C ASP A 546 1.75 -3.26 25.57
N THR A 547 1.86 -2.17 24.82
CA THR A 547 1.39 -2.12 23.44
C THR A 547 2.44 -2.34 22.39
N GLN A 548 3.70 -2.30 22.77
CA GLN A 548 4.73 -2.45 21.78
C GLN A 548 5.98 -3.12 22.27
N ILE A 549 6.64 -3.79 21.34
CA ILE A 549 7.87 -4.49 21.55
C ILE A 549 8.79 -4.29 20.36
N LYS A 550 10.04 -3.96 20.63
CA LYS A 550 11.00 -3.77 19.56
C LYS A 550 12.10 -4.80 19.70
N VAL A 551 12.23 -5.67 18.70
CA VAL A 551 13.22 -6.73 18.81
C VAL A 551 14.04 -6.96 17.55
N LYS A 552 15.27 -7.41 17.78
CA LYS A 552 16.20 -7.72 16.71
C LYS A 552 16.01 -9.13 16.20
N ILE A 553 15.89 -9.29 14.88
CA ILE A 553 15.72 -10.60 14.31
C ILE A 553 16.96 -11.45 14.56
N PRO A 554 16.78 -12.59 15.25
CA PRO A 554 17.88 -13.50 15.53
C PRO A 554 18.52 -14.02 14.25
N ALA A 555 19.77 -14.42 14.35
CA ALA A 555 20.48 -14.95 13.20
C ALA A 555 20.09 -16.39 12.93
N VAL A 556 18.89 -16.57 12.41
CA VAL A 556 18.40 -17.89 12.09
C VAL A 556 18.50 -18.11 10.60
N ALA A 557 18.33 -19.36 10.18
CA ALA A 557 18.39 -19.67 8.77
C ALA A 557 17.33 -18.88 8.01
N GLY A 558 17.61 -18.50 6.76
CA GLY A 558 16.63 -17.77 5.97
C GLY A 558 15.37 -18.60 5.75
N GLY A 559 14.19 -18.02 6.00
CA GLY A 559 12.94 -18.75 5.81
C GLY A 559 11.72 -18.04 6.35
N ASN A 560 10.59 -18.76 6.35
CA ASN A 560 9.33 -18.25 6.85
C ASN A 560 9.08 -18.71 8.27
N TYR A 561 8.83 -17.76 9.14
CA TYR A 561 8.62 -18.04 10.55
C TYR A 561 7.33 -17.51 11.13
N ASN A 562 6.99 -18.11 12.25
CA ASN A 562 5.85 -17.73 13.03
C ASN A 562 6.36 -16.99 14.23
N ILE A 563 5.76 -15.87 14.52
CA ILE A 563 6.17 -15.06 15.63
C ILE A 563 5.21 -15.20 16.78
N LYS A 564 5.78 -15.26 17.97
CA LYS A 564 4.98 -15.38 19.17
C LYS A 564 5.70 -14.74 20.35
N VAL A 565 4.95 -14.28 21.33
CA VAL A 565 5.55 -13.66 22.49
C VAL A 565 4.96 -14.18 23.77
N ALA A 566 5.74 -14.06 24.83
CA ALA A 566 5.33 -14.49 26.15
C ALA A 566 5.65 -13.41 27.16
N ASN A 567 4.70 -13.13 28.04
CA ASN A 567 4.97 -12.11 29.02
C ASN A 567 5.98 -12.62 30.03
N ALA A 568 6.44 -11.74 30.91
CA ALA A 568 7.42 -12.13 31.90
C ALA A 568 6.94 -13.32 32.70
N ALA A 569 5.62 -13.41 32.86
CA ALA A 569 5.03 -14.50 33.62
C ALA A 569 4.99 -15.83 32.87
N GLY A 570 5.45 -15.83 31.62
CA GLY A 570 5.47 -17.06 30.85
C GLY A 570 4.20 -17.30 30.03
N THR A 571 3.30 -16.33 30.01
CA THR A 571 2.08 -16.47 29.24
C THR A 571 2.33 -16.18 27.77
N ALA A 572 1.98 -17.14 26.93
CA ALA A 572 2.18 -17.01 25.51
C ALA A 572 1.03 -16.32 24.81
N SER A 573 1.34 -15.69 23.70
CA SER A 573 0.38 -14.95 22.91
C SER A 573 -0.04 -15.72 21.68
N ASN A 574 -0.90 -15.08 20.90
CA ASN A 574 -1.35 -15.67 19.67
C ASN A 574 -0.17 -15.71 18.73
N VAL A 575 -0.36 -16.35 17.59
CA VAL A 575 0.70 -16.48 16.63
C VAL A 575 0.50 -15.60 15.41
N TYR A 576 1.52 -14.83 15.12
CA TYR A 576 1.51 -13.99 13.94
C TYR A 576 2.40 -14.72 12.95
N ASP A 577 1.86 -15.05 11.79
CA ASP A 577 2.65 -15.81 10.85
C ASP A 577 3.09 -15.05 9.60
N ASN A 578 3.75 -15.81 8.72
CA ASN A 578 4.23 -15.31 7.45
C ASN A 578 5.43 -14.38 7.53
N PHE A 579 6.21 -14.52 8.59
CA PHE A 579 7.39 -13.70 8.75
C PHE A 579 8.55 -14.20 7.90
N GLU A 580 9.09 -13.35 7.03
CA GLU A 580 10.17 -13.81 6.21
C GLU A 580 11.54 -13.32 6.60
N VAL A 581 12.40 -14.26 6.95
CA VAL A 581 13.76 -13.94 7.30
C VAL A 581 14.66 -14.17 6.10
N LEU A 582 15.21 -13.09 5.57
CA LEU A 582 16.07 -13.18 4.42
C LEU A 582 17.40 -13.87 4.75
N SER A 583 18.08 -14.33 3.72
CA SER A 583 19.36 -14.97 3.90
C SER A 583 20.45 -13.92 4.00
N GLY A 584 20.06 -12.67 3.74
CA GLY A 584 20.95 -11.53 3.78
C GLY A 584 20.51 -10.44 2.82
N ASP A 585 21.40 -9.48 2.57
CA ASP A 585 21.12 -8.41 1.65
C ASP A 585 20.73 -9.01 0.33
N GLN A 586 19.90 -8.31 -0.43
CA GLN A 586 19.45 -8.86 -1.69
C GLN A 586 19.88 -8.10 -2.92
N VAL A 587 19.92 -8.87 -4.01
CA VAL A 587 20.25 -8.37 -5.33
C VAL A 587 19.29 -8.99 -6.33
N SER A 588 19.00 -8.25 -7.38
CA SER A 588 18.11 -8.73 -8.42
C SER A 588 18.89 -9.42 -9.52
N VAL A 589 18.55 -10.69 -9.76
CA VAL A 589 19.21 -11.50 -10.77
C VAL A 589 18.22 -12.04 -11.78
N ARG A 590 18.62 -12.00 -13.04
CA ARG A 590 17.77 -12.50 -14.10
C ARG A 590 18.17 -13.91 -14.51
N PHE A 591 17.24 -14.85 -14.40
CA PHE A 591 17.50 -16.22 -14.78
C PHE A 591 16.92 -16.51 -16.15
N VAL A 592 17.75 -17.11 -16.99
CA VAL A 592 17.35 -17.48 -18.33
C VAL A 592 17.65 -18.93 -18.61
N VAL A 593 16.63 -19.65 -19.05
CA VAL A 593 16.78 -21.06 -19.38
C VAL A 593 16.47 -21.27 -20.83
N ASN A 594 17.39 -21.89 -21.55
CA ASN A 594 17.21 -22.12 -22.95
C ASN A 594 16.74 -23.52 -23.28
N ASN A 595 15.89 -23.59 -24.29
CA ASN A 595 15.35 -24.83 -24.80
C ASN A 595 14.51 -25.63 -23.83
N ALA A 596 13.59 -24.95 -23.16
CA ALA A 596 12.71 -25.63 -22.23
C ALA A 596 11.33 -25.77 -22.87
N THR A 597 11.19 -26.82 -23.67
CA THR A 597 9.93 -27.09 -24.35
C THR A 597 8.89 -27.59 -23.38
N THR A 598 7.64 -27.22 -23.64
CA THR A 598 6.57 -27.61 -22.77
C THR A 598 5.27 -27.76 -23.55
N ALA A 599 4.25 -28.19 -22.84
CA ALA A 599 2.92 -28.37 -23.39
C ALA A 599 2.00 -27.29 -22.84
N LEU A 600 0.90 -27.07 -23.53
CA LEU A 600 -0.05 -26.08 -23.10
C LEU A 600 -0.49 -26.34 -21.68
N GLY A 601 -0.41 -25.30 -20.85
CA GLY A 601 -0.78 -25.42 -19.46
C GLY A 601 0.38 -25.83 -18.59
N GLN A 602 1.49 -26.17 -19.24
CA GLN A 602 2.70 -26.58 -18.55
C GLN A 602 3.73 -25.46 -18.55
N ASN A 603 4.14 -25.04 -17.36
CA ASN A 603 5.10 -23.96 -17.24
C ASN A 603 6.39 -24.34 -16.56
N VAL A 604 7.38 -23.46 -16.73
CA VAL A 604 8.68 -23.64 -16.15
C VAL A 604 8.87 -22.82 -14.87
N TYR A 605 9.54 -23.43 -13.90
CA TYR A 605 9.83 -22.79 -12.63
C TYR A 605 11.29 -22.95 -12.24
N LEU A 606 11.69 -22.20 -11.22
CA LEU A 606 13.05 -22.21 -10.73
C LEU A 606 13.11 -22.53 -9.24
N THR A 607 14.10 -23.33 -8.87
CA THR A 607 14.28 -23.73 -7.49
C THR A 607 15.76 -23.83 -7.15
N GLY A 608 16.10 -23.71 -5.88
CA GLY A 608 17.50 -23.78 -5.51
C GLY A 608 17.75 -23.92 -4.02
N SER A 609 19.06 -23.84 -3.71
CA SER A 609 19.62 -24.02 -2.37
C SER A 609 19.38 -22.92 -1.34
N VAL A 610 18.57 -21.93 -1.63
CA VAL A 610 18.32 -20.88 -0.64
C VAL A 610 16.83 -20.64 -0.41
N SER A 611 16.51 -20.11 0.77
CA SER A 611 15.10 -19.85 1.08
C SER A 611 14.45 -18.98 0.01
N GLU A 612 15.22 -18.01 -0.51
CA GLU A 612 14.73 -17.13 -1.54
C GLU A 612 14.34 -17.90 -2.79
N LEU A 613 14.81 -19.14 -2.87
CA LEU A 613 14.56 -20.00 -4.02
C LEU A 613 13.69 -21.21 -3.69
N GLY A 614 13.10 -21.17 -2.50
CA GLY A 614 12.22 -22.24 -2.06
C GLY A 614 12.92 -23.42 -1.41
N ASN A 615 14.23 -23.38 -1.36
CA ASN A 615 14.98 -24.45 -0.76
C ASN A 615 14.64 -25.83 -1.33
N TRP A 616 14.64 -25.93 -2.64
CA TRP A 616 14.37 -27.20 -3.30
C TRP A 616 12.93 -27.70 -3.22
N ASP A 617 12.06 -26.97 -2.55
CA ASP A 617 10.67 -27.41 -2.47
C ASP A 617 9.89 -26.92 -3.67
N PRO A 618 9.48 -27.84 -4.53
CA PRO A 618 8.74 -27.48 -5.72
C PRO A 618 7.50 -26.65 -5.40
N ALA A 619 6.95 -26.84 -4.21
CA ALA A 619 5.77 -26.10 -3.81
C ALA A 619 6.09 -24.62 -3.59
N LYS A 620 7.37 -24.31 -3.53
CA LYS A 620 7.82 -22.95 -3.31
C LYS A 620 8.65 -22.45 -4.46
N ALA A 621 8.56 -23.15 -5.59
CA ALA A 621 9.33 -22.79 -6.75
C ALA A 621 8.96 -21.41 -7.27
N ILE A 622 9.93 -20.77 -7.90
CA ILE A 622 9.75 -19.45 -8.45
C ILE A 622 9.23 -19.51 -9.88
N GLY A 623 8.09 -18.86 -10.11
CA GLY A 623 7.46 -18.82 -11.43
C GLY A 623 5.95 -18.67 -11.31
N PRO A 624 5.24 -19.00 -12.38
CA PRO A 624 5.82 -19.47 -13.61
C PRO A 624 6.67 -18.41 -14.31
N MET A 625 7.73 -18.84 -14.98
CA MET A 625 8.59 -17.90 -15.68
C MET A 625 7.91 -17.32 -16.90
N TYR A 626 8.54 -16.29 -17.48
CA TYR A 626 8.04 -15.61 -18.66
C TYR A 626 8.68 -16.13 -19.95
N ASN A 627 8.07 -15.84 -21.09
CA ASN A 627 8.62 -16.30 -22.35
C ASN A 627 8.04 -15.58 -23.56
N GLN A 628 7.55 -14.35 -23.35
CA GLN A 628 6.96 -13.58 -24.43
C GLN A 628 7.82 -12.39 -24.88
N VAL A 629 7.94 -11.40 -24.01
CA VAL A 629 8.66 -10.18 -24.33
C VAL A 629 10.18 -10.23 -24.46
N VAL A 630 10.88 -10.14 -23.33
CA VAL A 630 12.33 -10.14 -23.35
C VAL A 630 12.92 -11.33 -24.09
N TYR A 631 12.43 -12.51 -23.76
CA TYR A 631 12.85 -13.73 -24.41
C TYR A 631 11.63 -14.49 -24.88
N GLN A 632 11.78 -15.30 -25.92
CA GLN A 632 10.63 -16.04 -26.40
C GLN A 632 10.82 -17.54 -26.33
N TYR A 633 9.72 -18.25 -26.08
CA TYR A 633 9.70 -19.70 -26.00
C TYR A 633 10.44 -20.29 -27.19
N PRO A 634 11.14 -21.41 -27.00
CA PRO A 634 11.21 -22.15 -25.76
C PRO A 634 12.23 -21.62 -24.76
N ASN A 635 12.46 -20.31 -24.80
CA ASN A 635 13.36 -19.67 -23.87
C ASN A 635 12.52 -19.02 -22.78
N TRP A 636 12.96 -19.16 -21.52
CA TRP A 636 12.22 -18.60 -20.39
C TRP A 636 13.10 -17.72 -19.53
N TYR A 637 12.51 -16.66 -19.00
CA TYR A 637 13.24 -15.75 -18.14
C TYR A 637 12.45 -15.31 -16.93
N TYR A 638 13.16 -14.71 -15.97
CA TYR A 638 12.54 -14.24 -14.75
C TYR A 638 13.50 -13.53 -13.83
N ASP A 639 13.03 -12.43 -13.25
CA ASP A 639 13.83 -11.63 -12.32
C ASP A 639 13.62 -12.08 -10.89
N VAL A 640 14.70 -12.50 -10.26
CA VAL A 640 14.60 -13.02 -8.91
C VAL A 640 15.48 -12.32 -7.90
N SER A 641 14.92 -12.15 -6.72
CA SER A 641 15.66 -11.52 -5.65
C SER A 641 16.40 -12.59 -4.85
N VAL A 642 17.72 -12.56 -4.93
CA VAL A 642 18.53 -13.53 -4.22
C VAL A 642 19.55 -12.86 -3.30
N PRO A 643 20.11 -13.65 -2.40
CA PRO A 643 21.11 -13.18 -1.46
C PRO A 643 22.41 -12.79 -2.16
N ALA A 644 22.86 -11.58 -1.88
CA ALA A 644 24.07 -11.07 -2.49
C ALA A 644 25.33 -11.84 -2.11
N GLY A 645 26.21 -11.96 -3.10
CA GLY A 645 27.49 -12.63 -2.93
C GLY A 645 27.37 -14.04 -2.38
N LYS A 646 26.32 -14.73 -2.75
CA LYS A 646 26.14 -16.09 -2.29
C LYS A 646 26.25 -17.08 -3.43
N THR A 647 26.94 -18.17 -3.16
CA THR A 647 27.07 -19.20 -4.16
C THR A 647 25.84 -20.06 -4.07
N ILE A 648 25.03 -19.99 -5.10
CA ILE A 648 23.78 -20.71 -5.14
C ILE A 648 23.75 -21.86 -6.12
N GLU A 649 23.02 -22.89 -5.72
CA GLU A 649 22.79 -24.07 -6.51
C GLU A 649 21.35 -24.03 -6.98
N PHE A 650 21.11 -24.29 -8.26
CA PHE A 650 19.76 -24.23 -8.76
C PHE A 650 19.50 -25.16 -9.94
N LYS A 651 18.20 -25.36 -10.17
CA LYS A 651 17.70 -26.19 -11.24
C LYS A 651 16.34 -25.69 -11.65
N PHE A 652 15.92 -26.06 -12.85
CA PHE A 652 14.62 -25.66 -13.34
C PHE A 652 13.68 -26.85 -13.32
N LEU A 653 12.39 -26.55 -13.28
CA LEU A 653 11.40 -27.61 -13.28
C LEU A 653 10.15 -27.26 -14.06
N LYS A 654 9.55 -28.27 -14.66
CA LYS A 654 8.33 -28.10 -15.41
C LYS A 654 7.17 -28.51 -14.54
N LYS A 655 6.18 -27.63 -14.46
CA LYS A 655 5.03 -27.90 -13.64
C LYS A 655 3.71 -27.83 -14.39
N GLN A 656 2.86 -28.78 -14.06
CA GLN A 656 1.52 -28.92 -14.57
C GLN A 656 0.68 -29.23 -13.38
N GLY A 657 -0.02 -28.23 -12.87
CA GLY A 657 -0.77 -28.44 -11.67
C GLY A 657 0.27 -28.67 -10.57
N SER A 658 0.12 -29.74 -9.80
CA SER A 658 1.10 -30.03 -8.76
C SER A 658 2.08 -31.07 -9.23
N THR A 659 1.95 -31.45 -10.50
CA THR A 659 2.83 -32.42 -11.09
C THR A 659 4.10 -31.76 -11.59
N VAL A 660 5.25 -32.25 -11.11
CA VAL A 660 6.51 -31.66 -11.49
C VAL A 660 7.49 -32.59 -12.18
N THR A 661 8.22 -32.00 -13.12
CA THR A 661 9.25 -32.68 -13.90
C THR A 661 10.57 -31.95 -13.72
N TRP A 662 11.51 -32.60 -13.06
CA TRP A 662 12.81 -32.02 -12.80
C TRP A 662 13.72 -31.99 -13.99
N GLU A 663 14.64 -31.04 -13.95
CA GLU A 663 15.64 -30.90 -14.96
C GLU A 663 16.67 -31.99 -14.70
N GLY A 664 17.26 -32.52 -15.76
CA GLY A 664 18.25 -33.59 -15.59
C GLY A 664 19.61 -33.07 -15.17
N GLY A 665 20.61 -33.94 -15.31
CA GLY A 665 21.98 -33.61 -14.98
C GLY A 665 22.16 -33.15 -13.56
N SER A 666 23.24 -32.43 -13.33
CA SER A 666 23.58 -31.91 -12.03
C SER A 666 23.12 -30.48 -11.89
N ASN A 667 23.06 -30.01 -10.66
CA ASN A 667 22.64 -28.66 -10.37
C ASN A 667 23.49 -27.63 -11.05
N HIS A 668 22.88 -26.49 -11.30
CA HIS A 668 23.57 -25.36 -11.87
C HIS A 668 24.13 -24.58 -10.69
N THR A 669 25.18 -23.81 -10.93
CA THR A 669 25.76 -23.03 -9.88
C THR A 669 26.05 -21.61 -10.32
N PHE A 670 26.28 -20.74 -9.34
CA PHE A 670 26.60 -19.37 -9.61
C PHE A 670 26.72 -18.58 -8.34
N THR A 671 27.50 -17.53 -8.41
CA THR A 671 27.70 -16.69 -7.27
C THR A 671 27.05 -15.33 -7.48
N ALA A 672 26.06 -15.04 -6.66
CA ALA A 672 25.35 -13.81 -6.76
C ALA A 672 26.25 -12.60 -6.56
N PRO A 673 26.05 -11.57 -7.37
CA PRO A 673 26.83 -10.34 -7.25
C PRO A 673 26.68 -9.76 -5.86
N SER A 674 27.59 -8.87 -5.49
CA SER A 674 27.53 -8.24 -4.17
C SER A 674 26.65 -7.02 -4.22
N SER A 675 26.52 -6.49 -5.42
CA SER A 675 25.72 -5.32 -5.67
C SER A 675 25.37 -5.27 -7.14
N GLY A 676 24.29 -4.58 -7.47
CA GLY A 676 23.88 -4.48 -8.84
C GLY A 676 23.14 -5.72 -9.30
N THR A 677 23.11 -5.93 -10.59
CA THR A 677 22.41 -7.06 -11.12
C THR A 677 23.29 -8.00 -11.90
N ALA A 678 22.67 -9.08 -12.37
CA ALA A 678 23.33 -10.10 -13.17
C ALA A 678 22.33 -10.90 -13.98
N THR A 679 22.86 -11.56 -14.99
CA THR A 679 22.06 -12.38 -15.85
C THR A 679 22.66 -13.76 -15.98
N ILE A 680 21.88 -14.77 -15.62
CA ILE A 680 22.32 -16.16 -15.70
C ILE A 680 21.64 -16.90 -16.81
N ASN A 681 22.42 -17.29 -17.81
CA ASN A 681 21.92 -18.01 -18.97
C ASN A 681 22.39 -19.45 -19.00
N VAL A 682 21.43 -20.38 -18.96
CA VAL A 682 21.75 -21.78 -19.00
C VAL A 682 20.84 -22.54 -19.94
N ASN A 683 21.19 -23.79 -20.19
CA ASN A 683 20.38 -24.61 -21.06
C ASN A 683 19.67 -25.67 -20.28
N TRP A 684 18.41 -25.92 -20.64
CA TRP A 684 17.67 -26.94 -19.95
C TRP A 684 18.32 -28.29 -20.18
N GLN A 685 18.59 -29.00 -19.10
CA GLN A 685 19.20 -30.30 -19.18
C GLN A 685 18.17 -31.40 -19.11
N PRO A 686 18.24 -32.33 -20.04
CA PRO A 686 17.32 -33.44 -20.07
C PRO A 686 17.71 -34.50 -19.06
C1 GLC B . -32.68 -11.82 9.66
C2 GLC B . -31.36 -11.38 9.06
C3 GLC B . -30.26 -12.32 9.45
C4 GLC B . -30.23 -12.44 10.97
C5 GLC B . -31.59 -12.91 11.47
C6 GLC B . -31.65 -12.98 12.97
O1 GLC B . -33.08 -12.99 9.04
O2 GLC B . -31.47 -11.35 7.64
O3 GLC B . -29.05 -11.82 8.93
O4 GLC B . -29.26 -13.44 11.33
O5 GLC B . -32.56 -11.95 11.07
O6 GLC B . -32.94 -13.49 13.35
C1 GLC B . -28.18 -13.04 12.16
C2 GLC B . -26.90 -13.64 11.60
C3 GLC B . -26.90 -15.13 11.81
C4 GLC B . -27.12 -15.47 13.27
C5 GLC B . -28.37 -14.80 13.81
C6 GLC B . -28.42 -14.90 15.31
O2 GLC B . -26.79 -13.35 10.22
O3 GLC B . -25.63 -15.67 11.44
O4 GLC B . -27.30 -16.87 13.45
O5 GLC B . -28.38 -13.40 13.52
O6 GLC B . -29.70 -14.57 15.85
C1 GLC C . 15.25 -35.66 -9.05
C2 GLC C . 16.07 -34.56 -9.69
C3 GLC C . 16.98 -33.91 -8.68
C4 GLC C . 16.17 -33.43 -7.48
C5 GLC C . 15.35 -34.56 -6.90
C6 GLC C . 14.41 -34.04 -5.85
O1 GLC C . 16.15 -36.68 -8.68
O2 GLC C . 16.83 -35.10 -10.76
O3 GLC C . 17.66 -32.80 -9.24
O4 GLC C . 17.10 -32.99 -6.47
O5 GLC C . 14.55 -35.18 -7.91
O6 GLC C . 13.76 -35.12 -5.18
C1 GLC C . 17.00 -31.66 -6.04
C2 GLC C . 18.40 -31.06 -6.09
C3 GLC C . 19.26 -31.66 -5.01
C4 GLC C . 18.59 -31.49 -3.66
C5 GLC C . 17.23 -32.15 -3.68
C6 GLC C . 16.50 -31.91 -2.39
O2 GLC C . 18.95 -31.35 -7.37
O3 GLC C . 20.53 -31.02 -4.94
O4 GLC C . 19.40 -32.16 -2.68
O5 GLC C . 16.44 -31.58 -4.73
O6 GLC C . 15.20 -32.50 -2.43
C1 GLC C . 19.73 -31.45 -1.51
C2 GLC C . 21.24 -31.49 -1.38
C3 GLC C . 21.69 -32.90 -1.13
C4 GLC C . 21.02 -33.49 0.09
C5 GLC C . 19.50 -33.32 0.04
C6 GLC C . 18.90 -33.54 1.39
O2 GLC C . 21.81 -30.99 -2.58
O3 GLC C . 23.10 -32.96 -0.91
O4 GLC C . 21.24 -34.90 0.18
O5 GLC C . 19.12 -32.00 -0.35
O6 GLC C . 18.18 -32.39 1.81
C1 GLC D . -5.74 -25.12 -29.23
C2 GLC D . -4.98 -26.40 -29.43
C3 GLC D . -3.49 -26.19 -29.22
C4 GLC D . -2.96 -25.01 -30.02
C5 GLC D . -3.86 -23.79 -29.90
C6 GLC D . -3.51 -22.75 -30.92
O1 GLC D . -5.56 -24.71 -27.89
O2 GLC D . -5.47 -27.41 -28.56
O3 GLC D . -2.75 -27.35 -29.59
O4 GLC D . -1.67 -24.66 -29.49
O5 GLC D . -5.24 -24.13 -30.12
O6 GLC D . -2.44 -21.93 -30.44
C1 GLC D . -0.57 -24.50 -30.37
C2 GLC D . 0.44 -25.58 -30.09
C3 GLC D . 1.07 -25.36 -28.73
C4 GLC D . 1.79 -24.01 -28.75
C5 GLC D . 0.86 -22.89 -29.17
C6 GLC D . 1.70 -21.74 -29.63
O2 GLC D . -0.17 -26.86 -30.15
O3 GLC D . 2.04 -26.35 -28.44
O4 GLC D . 2.27 -23.75 -27.42
O5 GLC D . 0.02 -23.20 -30.29
O6 GLC D . 2.72 -22.20 -30.52
C1 GLC D . 3.65 -23.56 -27.18
C2 GLC D . 4.07 -24.42 -26.01
C3 GLC D . 3.36 -23.95 -24.76
C4 GLC D . 3.63 -22.48 -24.51
C5 GLC D . 3.33 -21.65 -25.75
C6 GLC D . 3.85 -20.25 -25.58
O2 GLC D . 3.77 -25.78 -26.27
O3 GLC D . 3.79 -24.67 -23.60
O4 GLC D . 2.73 -22.06 -23.47
O5 GLC D . 3.95 -22.21 -26.91
O6 GLC D . 3.76 -19.53 -26.81
C1 GLC D . 3.28 -21.77 -22.21
C2 GLC D . 2.41 -22.41 -21.14
C3 GLC D . 1.13 -21.64 -20.90
C4 GLC D . 1.39 -20.15 -20.76
C5 GLC D . 2.21 -19.63 -21.92
C6 GLC D . 2.59 -18.20 -21.71
O2 GLC D . 2.12 -23.74 -21.52
O3 GLC D . 0.51 -22.06 -19.69
O4 GLC D . 0.11 -19.46 -20.79
O5 GLC D . 3.44 -20.37 -22.02
O6 GLC D . 3.45 -17.73 -22.75
C1 GLC D . -0.33 -18.80 -19.63
C2 GLC D . -1.83 -18.94 -19.57
C3 GLC D . -2.43 -18.22 -20.75
C4 GLC D . -2.03 -16.76 -20.75
C5 GLC D . -0.52 -16.60 -20.63
C6 GLC D . -0.15 -15.19 -20.30
O2 GLC D . -2.16 -20.33 -19.63
O3 GLC D . -3.86 -18.28 -20.74
O4 GLC D . -2.39 -16.13 -21.97
O5 GLC D . 0.04 -17.43 -19.61
O6 GLC D . -1.25 -14.50 -19.66
C1 GLC E . -7.35 -0.90 -16.71
C2 GLC E . -6.13 -1.70 -16.32
C3 GLC E . -5.23 -0.96 -15.35
C4 GLC E . -4.92 0.42 -15.89
C5 GLC E . -6.23 1.16 -16.15
C6 GLC E . -6.00 2.52 -16.72
O1 GLC E . -8.28 -0.90 -15.64
O2 GLC E . -6.52 -2.96 -15.78
O3 GLC E . -3.99 -1.63 -15.15
O4 GLC E . -4.18 1.16 -14.91
O5 GLC E . -7.03 0.43 -17.09
O6 GLC E . -7.14 3.34 -16.49
C1 G6D E . -3.01 1.81 -15.33
O2 G6D E . -2.03 -0.01 -14.15
C2 G6D E . -1.86 1.36 -14.45
C3 G6D E . -1.76 2.15 -13.16
O3 G6D E . -0.48 1.98 -12.56
C4 G6D E . -1.92 3.64 -13.42
C5 G6D E . -3.22 3.91 -14.15
O5 G6D E . -3.20 3.23 -15.40
C6 G6D E . -3.37 5.38 -14.45
C1 GLC F . 0.24 9.53 -14.35
C2 GLC F . -0.57 10.79 -14.30
C3 GLC F . -1.66 10.72 -15.33
C4 GLC F . -1.04 10.57 -16.72
C5 GLC F . -0.02 9.46 -16.80
C6 GLC F . 0.92 9.79 -17.92
O1 GLC F . -0.58 8.45 -13.96
O2 GLC F . -1.13 10.97 -13.01
O3 GLC F . -2.39 11.96 -15.36
O4 GLC F . -2.09 10.30 -17.66
O5 GLC F . 0.81 9.33 -15.64
O6 GLC F . 1.09 8.67 -18.79
C1 GLC F . -2.45 11.32 -18.57
C2 GLC F . -3.80 10.99 -19.19
C3 GLC F . -3.68 9.97 -20.30
C4 GLC F . -2.57 10.34 -21.26
C5 GLC F . -1.27 10.47 -20.49
C6 GLC F . -0.13 10.83 -21.40
O2 GLC F . -4.66 10.49 -18.18
O3 GLC F . -4.89 9.89 -21.08
O4 GLC F . -2.45 9.23 -22.17
O5 GLC F . -1.43 11.53 -19.54
O6 GLC F . 1.02 10.04 -21.12
C1 GLC F . -2.98 9.38 -23.46
C2 GLC F . -3.68 8.09 -23.82
C3 GLC F . -2.69 7.01 -24.15
C4 GLC F . -1.69 7.51 -25.17
C5 GLC F . -0.97 8.72 -24.62
C6 GLC F . 0.02 9.27 -25.61
O2 GLC F . -4.45 7.68 -22.70
O3 GLC F . -3.34 5.87 -24.72
O4 GLC F . -0.75 6.46 -25.40
O5 GLC F . -1.96 9.73 -24.39
O6 GLC F . -0.64 9.66 -26.82
C1 GLC F . -1.03 5.58 -26.46
C2 GLC F . -0.73 4.17 -26.01
C3 GLC F . 0.76 3.97 -25.85
C4 GLC F . 1.47 4.37 -27.13
C5 GLC F . 1.11 5.78 -27.56
C6 GLC F . 1.62 6.08 -28.93
O2 GLC F . -1.38 3.92 -24.78
O3 GLC F . 1.08 2.61 -25.60
O4 GLC F . 2.89 4.31 -26.89
O5 GLC F . -0.32 5.95 -27.63
O6 GLC F . 2.46 7.24 -28.91
C1 GLC F . 3.60 3.18 -27.34
C2 GLC F . 5.03 3.22 -26.81
C3 GLC F . 5.84 4.27 -27.54
C4 GLC F . 5.79 3.94 -29.01
C5 GLC F . 4.36 3.97 -29.50
C6 GLC F . 4.31 3.56 -30.95
O2 GLC F . 5.08 3.43 -25.41
O3 GLC F . 7.21 4.24 -27.11
O4 GLC F . 6.59 4.89 -29.73
O5 GLC F . 3.55 3.07 -28.75
O6 GLC F . 3.06 2.95 -31.28
C1 GLC F . 7.88 4.48 -30.15
C2 GLC F . 8.78 5.68 -30.34
C3 GLC F . 8.46 6.42 -31.62
C4 GLC F . 8.32 5.51 -32.83
C5 GLC F . 7.50 4.26 -32.54
C6 GLC F . 7.76 3.23 -33.60
O2 GLC F . 8.65 6.54 -29.23
O3 GLC F . 9.52 7.34 -31.94
O4 GLC F . 7.66 6.18 -33.88
O5 GLC F . 7.82 3.64 -31.30
O6 GLC F . 6.56 2.54 -33.97
CA CA G . 3.37 27.87 -4.87
CA CA H . 8.07 -1.56 -16.46
C1 ADH I . -0.63 4.99 -11.65
C2 ADH I . -0.95 6.31 -10.97
C3 ADH I . -1.36 7.32 -12.01
C4 ADH I . -0.15 7.61 -12.87
C5 ADH I . 0.38 6.43 -13.41
C6 ADH I . 1.83 6.53 -13.82
C7 ADH I . 0.18 5.17 -12.80
N1 ADH I . -1.88 4.37 -12.04
O2 ADH I . -1.97 6.12 -9.99
O3 ADH I . -1.81 8.54 -11.43
O6 ADH I . 2.63 7.35 -12.96
#